data_4DNX
#
_entry.id   4DNX
#
_cell.length_a   73.286
_cell.length_b   96.972
_cell.length_c   73.458
_cell.angle_alpha   90.00
_cell.angle_beta   117.60
_cell.angle_gamma   90.00
#
_symmetry.space_group_name_H-M   'P 1 21 1'
#
loop_
_entity.id
_entity.type
_entity.pdbx_description
1 polymer 'Sulfate adenylyltransferase'
2 non-polymer '2-(N-MORPHOLINO)-ETHANESULFONIC ACID'
3 water water
#
_entity_poly.entity_id   1
_entity_poly.type   'polypeptide(L)'
_entity_poly.pdbx_seq_one_letter_code
;MIKPVGSDELRPRFVYDPEQHHRLSSEAESLPSVIVSSQAAGNAVMLGAGYFSPLDGFMNLADALSSAQSMTLTDGRFFP
VPLLCLLESADAIAGATRIALRDPNVEGNPVLAVMDVTAVEQVSDAQMALMTEQVYGTSDPKHPGVETFNSQGRTAISGP
IQVLNFSYFQTDFPDTFRTAVEIRHEIQERGWQKIVAFQTRNPMHRAHEELCKMAMEAVEADGVVIHMLLGQLKPGDIPA
PVRDAAIRTMAELYFPPNTVMVTGYGFDMLYAGPREAVLHAYFRQNMGATHFIIGRDHAGVGDYYGPFDAQTIFDDAVPT
DVLAIEIFRADNTAYSKKLGRVVMMRDAPDHTPDDFIQLSGTRVREMLGQGEAPPPEFSRPEVAQILMDYYRSLPQS
;
_entity_poly.pdbx_strand_id   A,B
#
# COMPACT_ATOMS: atom_id res chain seq x y z
N MET A 1 10.96 18.44 6.06
CA MET A 1 9.83 17.65 6.63
C MET A 1 9.80 17.89 8.14
N ILE A 2 8.61 17.93 8.73
CA ILE A 2 8.47 18.03 10.17
C ILE A 2 9.16 16.84 10.80
N LYS A 3 9.86 17.07 11.91
CA LYS A 3 10.57 15.94 12.52
C LYS A 3 9.61 14.91 13.12
N PRO A 4 10.01 13.63 13.14
CA PRO A 4 9.22 12.63 13.86
C PRO A 4 9.24 12.98 15.36
N VAL A 5 8.29 12.42 16.11
CA VAL A 5 8.26 12.76 17.52
C VAL A 5 9.35 12.00 18.27
N GLY A 6 10.24 12.73 18.94
CA GLY A 6 11.27 12.04 19.81
C GLY A 6 12.47 11.41 19.15
N SER A 7 12.62 11.57 17.84
CA SER A 7 13.82 11.10 17.10
C SER A 7 13.95 11.80 15.75
N ASP A 8 15.11 11.67 15.12
CA ASP A 8 15.28 12.34 13.83
C ASP A 8 14.70 11.56 12.64
N GLU A 9 14.56 10.25 12.83
CA GLU A 9 13.96 9.38 11.80
C GLU A 9 12.95 8.46 12.45
N LEU A 10 11.93 8.07 11.69
CA LEU A 10 10.97 7.05 12.19
C LEU A 10 11.69 5.74 12.49
N ARG A 11 11.20 5.07 13.52
CA ARG A 11 11.77 3.78 14.00
C ARG A 11 10.67 2.70 14.05
N PRO A 12 10.12 2.32 12.88
CA PRO A 12 9.00 1.37 12.84
C PRO A 12 9.46 -0.02 13.30
N ARG A 13 8.49 -0.84 13.73
CA ARG A 13 8.80 -2.16 14.28
C ARG A 13 8.52 -3.30 13.27
N PHE A 14 8.04 -2.93 12.09
CA PHE A 14 7.86 -3.94 11.01
C PHE A 14 9.20 -4.46 10.51
N VAL A 15 9.24 -5.78 10.24
CA VAL A 15 10.50 -6.38 9.74
C VAL A 15 10.57 -6.17 8.21
N TYR A 16 11.14 -5.03 7.82
CA TYR A 16 11.29 -4.70 6.38
C TYR A 16 12.24 -5.59 5.55
N ASP A 17 13.27 -6.18 6.17
CA ASP A 17 14.19 -7.04 5.45
C ASP A 17 13.49 -8.39 5.20
N PRO A 18 13.25 -8.78 3.94
CA PRO A 18 12.48 -9.99 3.67
C PRO A 18 13.14 -11.28 4.20
N GLU A 19 14.48 -11.36 4.15
CA GLU A 19 15.14 -12.56 4.66
C GLU A 19 14.94 -12.73 6.17
N GLN A 20 15.12 -11.65 6.92
CA GLN A 20 14.86 -11.63 8.38
C GLN A 20 13.37 -11.89 8.71
N HIS A 21 12.49 -11.29 7.92
CA HIS A 21 11.04 -11.59 8.00
C HIS A 21 10.73 -13.09 7.88
N HIS A 22 11.29 -13.73 6.86
CA HIS A 22 11.06 -15.17 6.65
C HIS A 22 11.62 -15.99 7.80
N ARG A 23 12.81 -15.62 8.29
CA ARG A 23 13.40 -16.35 9.42
C ARG A 23 12.55 -16.24 10.70
N LEU A 24 12.05 -15.03 10.97
CA LEU A 24 11.22 -14.78 12.14
C LEU A 24 9.88 -15.50 12.05
N SER A 25 9.27 -15.45 10.85
CA SER A 25 8.00 -16.15 10.62
C SER A 25 8.17 -17.65 10.88
N SER A 26 9.28 -18.19 10.39
CA SER A 26 9.57 -19.60 10.62
C SER A 26 9.75 -19.91 12.09
N GLU A 27 10.51 -19.07 12.78
CA GLU A 27 10.76 -19.22 14.22
C GLU A 27 9.48 -19.17 15.02
N ALA A 28 8.61 -18.23 14.65
CA ALA A 28 7.39 -17.99 15.41
C ALA A 28 6.47 -19.21 15.45
N GLU A 29 6.55 -20.09 14.46
CA GLU A 29 5.66 -21.26 14.40
C GLU A 29 5.97 -22.32 15.49
N SER A 30 7.17 -22.22 16.10
CA SER A 30 7.53 -23.09 17.20
C SER A 30 7.61 -22.40 18.57
N LEU A 31 7.37 -21.10 18.62
CA LEU A 31 7.43 -20.37 19.88
C LEU A 31 6.14 -20.61 20.72
N PRO A 32 6.25 -20.56 22.06
CA PRO A 32 5.01 -20.41 22.89
C PRO A 32 4.26 -19.17 22.42
N SER A 33 2.94 -19.22 22.44
CA SER A 33 2.18 -18.12 21.85
C SER A 33 0.96 -17.76 22.68
N VAL A 34 0.47 -16.53 22.50
CA VAL A 34 -0.78 -16.10 23.17
C VAL A 34 -1.57 -15.36 22.13
N ILE A 35 -2.90 -15.46 22.20
CA ILE A 35 -3.78 -14.60 21.33
C ILE A 35 -4.05 -13.32 22.12
N VAL A 36 -3.71 -12.17 21.54
CA VAL A 36 -3.77 -10.90 22.27
C VAL A 36 -5.17 -10.26 22.08
N SER A 37 -5.46 -9.19 22.82
CA SER A 37 -6.75 -8.48 22.56
C SER A 37 -6.69 -7.71 21.25
N SER A 38 -7.86 -7.35 20.73
CA SER A 38 -7.86 -6.46 19.56
C SER A 38 -7.14 -5.12 19.85
N GLN A 39 -7.25 -4.61 21.09
CA GLN A 39 -6.56 -3.38 21.48
C GLN A 39 -5.03 -3.55 21.37
N ALA A 40 -4.51 -4.63 21.93
CA ALA A 40 -3.08 -4.87 21.81
C ALA A 40 -2.67 -5.09 20.34
N ALA A 41 -3.51 -5.81 19.57
CA ALA A 41 -3.17 -6.04 18.16
C ALA A 41 -3.07 -4.72 17.38
N GLY A 42 -4.00 -3.80 17.65
CA GLY A 42 -3.96 -2.48 17.00
C GLY A 42 -2.72 -1.71 17.41
N ASN A 43 -2.37 -1.82 18.69
CA ASN A 43 -1.17 -1.17 19.23
C ASN A 43 0.04 -1.73 18.44
N ALA A 44 0.04 -3.04 18.18
CA ALA A 44 1.17 -3.65 17.47
C ALA A 44 1.26 -3.23 16.02
N VAL A 45 0.10 -3.10 15.37
CA VAL A 45 0.06 -2.65 13.97
C VAL A 45 0.58 -1.20 13.89
N MET A 46 0.16 -0.35 14.83
CA MET A 46 0.57 1.08 14.85
C MET A 46 2.10 1.16 15.10
N LEU A 47 2.58 0.33 16.03
CA LEU A 47 4.05 0.27 16.24
C LEU A 47 4.79 -0.23 14.98
N GLY A 48 4.29 -1.28 14.36
CA GLY A 48 4.87 -1.85 13.12
C GLY A 48 4.96 -0.81 12.00
N ALA A 49 3.93 0.05 11.93
CA ALA A 49 3.75 0.97 10.78
C ALA A 49 4.41 2.32 11.03
N GLY A 50 5.06 2.48 12.20
CA GLY A 50 5.82 3.72 12.50
C GLY A 50 4.98 4.86 13.10
N TYR A 51 3.66 4.65 13.25
CA TYR A 51 2.81 5.68 13.82
C TYR A 51 3.17 5.98 15.30
N PHE A 52 3.63 4.95 16.05
CA PHE A 52 3.97 5.16 17.46
C PHE A 52 5.48 5.20 17.68
N SER A 53 6.19 5.61 16.63
CA SER A 53 7.63 5.80 16.79
C SER A 53 8.02 6.89 17.80
N PRO A 54 8.86 6.49 18.76
CA PRO A 54 10.05 5.69 18.50
C PRO A 54 9.92 4.51 19.49
N LEU A 55 8.71 4.23 19.97
CA LEU A 55 8.56 3.19 21.00
C LEU A 55 8.85 1.79 20.44
N ASP A 56 9.38 0.92 21.31
CA ASP A 56 9.80 -0.43 20.81
C ASP A 56 8.85 -1.57 21.01
N GLY A 57 7.80 -1.35 21.80
CA GLY A 57 6.89 -2.44 22.13
C GLY A 57 5.96 -2.10 23.26
N PHE A 58 5.58 -3.11 24.04
CA PHE A 58 4.55 -2.93 25.07
C PHE A 58 5.18 -2.50 26.36
N MET A 59 4.46 -1.66 27.09
CA MET A 59 4.95 -0.98 28.30
C MET A 59 4.86 -1.87 29.51
N ASN A 60 5.84 -1.71 30.41
CA ASN A 60 5.65 -2.26 31.77
C ASN A 60 4.69 -1.36 32.58
N LEU A 61 4.33 -1.82 33.78
CA LEU A 61 3.34 -1.10 34.57
C LEU A 61 3.84 0.30 34.95
N ALA A 62 5.11 0.45 35.31
CA ALA A 62 5.62 1.81 35.64
C ALA A 62 5.50 2.84 34.48
N ASP A 63 5.86 2.43 33.27
CA ASP A 63 5.68 3.29 32.11
C ASP A 63 4.18 3.55 31.82
N ALA A 64 3.36 2.51 31.95
CA ALA A 64 1.92 2.69 31.73
C ALA A 64 1.30 3.68 32.73
N LEU A 65 1.72 3.58 34.00
CA LEU A 65 1.21 4.52 35.05
C LEU A 65 1.69 5.94 34.76
N SER A 66 2.93 6.04 34.30
CA SER A 66 3.49 7.37 34.01
C SER A 66 2.80 7.98 32.76
N SER A 67 2.58 7.16 31.73
CA SER A 67 1.88 7.63 30.50
C SER A 67 0.43 8.10 30.81
N ALA A 68 -0.29 7.28 31.59
CA ALA A 68 -1.66 7.59 31.96
C ALA A 68 -1.73 8.92 32.71
N GLN A 69 -0.83 9.15 33.67
CA GLN A 69 -1.02 10.27 34.56
C GLN A 69 -0.36 11.55 34.05
N SER A 70 0.69 11.40 33.24
CA SER A 70 1.55 12.55 32.91
C SER A 70 1.96 12.66 31.42
N MET A 71 1.47 11.72 30.61
CA MET A 71 1.81 11.60 29.19
C MET A 71 3.30 11.44 28.94
N THR A 72 4.01 10.85 29.90
CA THR A 72 5.43 10.49 29.70
C THR A 72 5.70 9.07 30.15
N LEU A 73 6.73 8.46 29.56
CA LEU A 73 7.32 7.24 30.09
C LEU A 73 8.22 7.53 31.31
N THR A 74 8.58 6.48 32.05
CA THR A 74 9.49 6.69 33.22
C THR A 74 10.84 7.33 32.87
N ASP A 75 11.32 7.10 31.64
CA ASP A 75 12.58 7.72 31.22
C ASP A 75 12.41 9.13 30.67
N GLY A 76 11.18 9.63 30.64
CA GLY A 76 10.94 11.01 30.25
C GLY A 76 10.47 11.23 28.84
N ARG A 77 10.49 10.19 27.98
CA ARG A 77 9.93 10.33 26.61
C ARG A 77 8.43 10.68 26.64
N PHE A 78 7.98 11.59 25.78
CA PHE A 78 6.56 11.90 25.64
C PHE A 78 5.82 10.75 24.91
N PHE A 79 4.74 10.28 25.54
CA PHE A 79 3.77 9.40 24.89
C PHE A 79 2.41 9.42 25.61
N PRO A 80 1.34 9.74 24.89
CA PRO A 80 0.10 10.15 25.56
C PRO A 80 -0.83 9.10 26.13
N VAL A 81 -0.73 7.84 25.72
CA VAL A 81 -1.56 6.77 26.31
C VAL A 81 -0.74 5.50 26.59
N PRO A 82 -1.16 4.70 27.55
CA PRO A 82 -0.42 3.48 27.82
C PRO A 82 -0.54 2.57 26.62
N LEU A 83 0.52 1.80 26.32
CA LEU A 83 0.44 0.76 25.31
C LEU A 83 0.62 -0.56 26.04
N LEU A 84 -0.48 -1.22 26.36
CA LEU A 84 -0.41 -2.42 27.19
C LEU A 84 -0.79 -3.67 26.40
N CYS A 85 -0.18 -4.79 26.81
CA CYS A 85 -0.62 -6.12 26.34
C CYS A 85 -1.10 -6.87 27.57
N LEU A 86 -2.40 -6.77 27.79
CA LEU A 86 -3.03 -7.39 28.97
C LEU A 86 -3.64 -8.72 28.56
N LEU A 87 -3.53 -9.70 29.44
CA LEU A 87 -3.97 -11.10 29.19
C LEU A 87 -4.70 -11.59 30.46
N GLU A 88 -5.59 -12.57 30.27
CA GLU A 88 -6.22 -13.20 31.40
C GLU A 88 -5.16 -13.95 32.25
N SER A 89 -4.21 -14.58 31.57
CA SER A 89 -3.16 -15.34 32.25
C SER A 89 -1.88 -15.43 31.41
N ALA A 90 -0.72 -15.52 32.05
CA ALA A 90 0.54 -15.74 31.33
C ALA A 90 1.01 -17.21 31.43
N ASP A 91 0.12 -18.12 31.83
CA ASP A 91 0.47 -19.55 31.99
C ASP A 91 1.06 -20.24 30.75
N ALA A 92 0.47 -19.99 29.58
CA ALA A 92 0.98 -20.57 28.32
C ALA A 92 2.43 -20.15 27.98
N ILE A 93 2.87 -19.01 28.48
CA ILE A 93 4.22 -18.53 28.17
C ILE A 93 5.10 -18.40 29.43
N ALA A 94 4.72 -19.13 30.48
CA ALA A 94 5.45 -19.10 31.75
C ALA A 94 6.93 -19.45 31.53
N GLY A 95 7.81 -18.51 31.86
CA GLY A 95 9.24 -18.73 31.81
C GLY A 95 9.87 -18.57 30.44
N ALA A 96 9.05 -18.22 29.44
CA ALA A 96 9.54 -18.03 28.08
C ALA A 96 10.09 -16.62 27.94
N THR A 97 11.20 -16.46 27.23
CA THR A 97 11.71 -15.08 27.04
C THR A 97 11.35 -14.50 25.68
N ARG A 98 10.85 -15.35 24.79
CA ARG A 98 10.53 -14.99 23.42
C ARG A 98 9.25 -15.75 23.05
N ILE A 99 8.24 -15.02 22.57
CA ILE A 99 6.92 -15.60 22.34
C ILE A 99 6.33 -15.04 21.06
N ALA A 100 5.31 -15.69 20.53
CA ALA A 100 4.58 -15.20 19.34
C ALA A 100 3.27 -14.60 19.82
N LEU A 101 2.94 -13.42 19.31
CA LEU A 101 1.63 -12.77 19.57
C LEU A 101 0.72 -13.04 18.38
N ARG A 102 -0.44 -13.65 18.62
CA ARG A 102 -1.33 -14.12 17.55
C ARG A 102 -2.53 -13.17 17.45
N ASP A 103 -3.03 -12.99 16.23
CA ASP A 103 -4.03 -11.96 15.89
C ASP A 103 -5.46 -12.48 16.24
N PRO A 104 -6.18 -11.74 17.08
CA PRO A 104 -7.57 -12.12 17.39
C PRO A 104 -8.56 -11.86 16.27
N ASN A 105 -8.14 -11.10 15.26
CA ASN A 105 -9.09 -10.61 14.23
C ASN A 105 -8.91 -11.22 12.83
N VAL A 106 -8.17 -12.31 12.77
CA VAL A 106 -7.97 -13.08 11.54
C VAL A 106 -8.21 -14.55 11.83
N GLU A 107 -9.05 -15.19 10.99
CA GLU A 107 -9.46 -16.59 11.19
C GLU A 107 -8.22 -17.49 11.34
N GLY A 108 -8.22 -18.33 12.38
CA GLY A 108 -7.08 -19.21 12.68
C GLY A 108 -5.98 -18.60 13.54
N ASN A 109 -6.07 -17.29 13.85
CA ASN A 109 -5.16 -16.54 14.73
C ASN A 109 -3.70 -16.66 14.29
N PRO A 110 -3.39 -16.18 13.11
CA PRO A 110 -1.96 -16.19 12.66
C PRO A 110 -1.06 -15.31 13.50
N VAL A 111 0.24 -15.57 13.43
CA VAL A 111 1.19 -14.72 14.14
C VAL A 111 1.23 -13.31 13.59
N LEU A 112 1.12 -12.34 14.50
CA LEU A 112 1.17 -10.90 14.13
C LEU A 112 2.56 -10.31 14.46
N ALA A 113 3.20 -10.79 15.53
CA ALA A 113 4.47 -10.18 15.99
C ALA A 113 5.19 -11.21 16.86
N VAL A 114 6.51 -11.01 16.99
CA VAL A 114 7.33 -11.78 17.91
C VAL A 114 7.76 -10.81 19.02
N MET A 115 7.72 -11.25 20.27
CA MET A 115 8.00 -10.35 21.38
C MET A 115 9.08 -10.94 22.27
N ASP A 116 10.04 -10.11 22.69
CA ASP A 116 10.97 -10.52 23.75
C ASP A 116 10.39 -10.04 25.06
N VAL A 117 9.98 -10.99 25.91
CA VAL A 117 9.29 -10.61 27.12
C VAL A 117 10.31 -10.22 28.21
N THR A 118 10.26 -8.97 28.66
CA THR A 118 11.18 -8.56 29.73
C THR A 118 10.52 -8.42 31.10
N ALA A 119 9.19 -8.43 31.14
CA ALA A 119 8.52 -8.49 32.44
C ALA A 119 7.12 -9.01 32.28
N VAL A 120 6.65 -9.67 33.34
CA VAL A 120 5.29 -10.14 33.41
C VAL A 120 4.79 -9.65 34.78
N GLU A 121 3.74 -8.83 34.79
CA GLU A 121 3.27 -8.14 35.99
C GLU A 121 1.76 -8.28 36.18
N GLN A 122 1.29 -8.39 37.42
CA GLN A 122 -0.14 -8.33 37.71
C GLN A 122 -0.54 -6.89 38.00
N VAL A 123 -1.63 -6.44 37.39
CA VAL A 123 -2.15 -5.11 37.65
C VAL A 123 -3.23 -5.14 38.73
N SER A 124 -3.08 -4.30 39.76
CA SER A 124 -4.06 -4.28 40.88
C SER A 124 -5.32 -3.50 40.46
N ASP A 125 -6.41 -3.70 41.20
CA ASP A 125 -7.62 -2.92 41.01
C ASP A 125 -7.32 -1.42 41.09
N ALA A 126 -6.50 -1.03 42.07
CA ALA A 126 -6.19 0.38 42.28
C ALA A 126 -5.41 0.95 41.09
N GLN A 127 -4.45 0.18 40.56
CA GLN A 127 -3.69 0.61 39.37
C GLN A 127 -4.57 0.73 38.13
N MET A 128 -5.51 -0.22 37.95
CA MET A 128 -6.44 -0.17 36.81
C MET A 128 -7.34 1.05 36.89
N ALA A 129 -7.90 1.28 38.06
CA ALA A 129 -8.79 2.44 38.30
C ALA A 129 -8.05 3.76 38.04
N LEU A 130 -6.79 3.83 38.49
CA LEU A 130 -6.00 5.05 38.31
C LEU A 130 -5.80 5.30 36.81
N MET A 131 -5.39 4.25 36.08
CA MET A 131 -5.12 4.40 34.62
C MET A 131 -6.44 4.73 33.87
N THR A 132 -7.54 4.06 34.24
CA THR A 132 -8.86 4.27 33.62
C THR A 132 -9.34 5.72 33.79
N GLU A 133 -9.35 6.22 35.01
CA GLU A 133 -9.81 7.58 35.28
C GLU A 133 -8.93 8.62 34.54
N GLN A 134 -7.62 8.41 34.52
CA GLN A 134 -6.69 9.35 33.87
C GLN A 134 -6.79 9.36 32.33
N VAL A 135 -6.89 8.18 31.73
CA VAL A 135 -6.94 8.09 30.24
C VAL A 135 -8.31 8.51 29.69
N TYR A 136 -9.38 8.01 30.30
CA TYR A 136 -10.74 8.16 29.77
C TYR A 136 -11.54 9.31 30.40
N GLY A 137 -11.00 9.88 31.48
CA GLY A 137 -11.65 10.99 32.18
C GLY A 137 -12.94 10.65 32.90
N THR A 138 -13.12 9.37 33.20
CA THR A 138 -14.32 8.92 33.91
C THR A 138 -14.10 7.50 34.39
N SER A 139 -14.94 7.09 35.34
CA SER A 139 -14.92 5.72 35.82
CA SER A 139 -14.92 5.73 35.85
C SER A 139 -16.19 4.98 35.39
N ASP A 140 -17.07 5.69 34.70
CA ASP A 140 -18.36 5.14 34.28
C ASP A 140 -18.19 3.90 33.41
N PRO A 141 -18.68 2.74 33.86
CA PRO A 141 -18.67 1.55 33.00
C PRO A 141 -19.55 1.65 31.73
N LYS A 142 -20.39 2.67 31.61
CA LYS A 142 -21.11 2.96 30.35
C LYS A 142 -20.16 3.48 29.24
N HIS A 143 -18.94 3.85 29.59
CA HIS A 143 -18.04 4.41 28.60
C HIS A 143 -17.43 3.22 27.85
N PRO A 144 -17.58 3.17 26.53
CA PRO A 144 -17.15 1.96 25.83
C PRO A 144 -15.64 1.73 25.87
N GLY A 145 -14.86 2.81 25.98
CA GLY A 145 -13.41 2.68 26.02
C GLY A 145 -13.01 2.16 27.41
N VAL A 146 -13.65 2.66 28.45
CA VAL A 146 -13.46 2.15 29.82
C VAL A 146 -13.75 0.63 29.86
N GLU A 147 -14.85 0.23 29.25
CA GLU A 147 -15.31 -1.17 29.32
C GLU A 147 -14.28 -2.08 28.63
N THR A 148 -13.83 -1.71 27.43
CA THR A 148 -12.82 -2.49 26.71
C THR A 148 -11.54 -2.61 27.50
N PHE A 149 -11.07 -1.48 28.05
CA PHE A 149 -9.76 -1.46 28.73
C PHE A 149 -9.80 -2.42 29.91
N ASN A 150 -10.94 -2.44 30.59
CA ASN A 150 -11.07 -3.22 31.82
C ASN A 150 -11.56 -4.65 31.56
N SER A 151 -11.61 -5.04 30.30
CA SER A 151 -12.17 -6.33 29.90
C SER A 151 -11.16 -7.25 29.25
N GLN A 152 -9.87 -7.03 29.56
CA GLN A 152 -8.81 -7.72 28.87
C GLN A 152 -8.02 -8.67 29.75
N GLY A 153 -8.29 -8.65 31.04
CA GLY A 153 -7.48 -9.37 32.01
C GLY A 153 -6.52 -8.43 32.70
N ARG A 154 -5.74 -8.97 33.64
CA ARG A 154 -4.90 -8.17 34.54
CA ARG A 154 -4.91 -8.13 34.52
C ARG A 154 -3.42 -8.56 34.55
N THR A 155 -3.01 -9.42 33.62
CA THR A 155 -1.59 -9.77 33.49
C THR A 155 -0.99 -8.98 32.34
N ALA A 156 -0.03 -8.09 32.67
CA ALA A 156 0.61 -7.27 31.64
C ALA A 156 1.95 -7.89 31.24
N ILE A 157 2.14 -8.12 29.95
CA ILE A 157 3.44 -8.61 29.44
C ILE A 157 4.08 -7.46 28.68
N SER A 158 5.38 -7.27 28.92
CA SER A 158 6.06 -6.07 28.37
C SER A 158 7.38 -6.45 27.74
N GLY A 159 7.82 -5.60 26.81
CA GLY A 159 9.07 -5.87 26.06
C GLY A 159 8.95 -5.49 24.60
N PRO A 160 10.09 -5.49 23.90
CA PRO A 160 10.12 -5.03 22.52
C PRO A 160 9.51 -6.06 21.55
N ILE A 161 8.95 -5.58 20.43
CA ILE A 161 8.34 -6.48 19.46
C ILE A 161 8.90 -6.25 18.06
N GLN A 162 8.78 -7.29 17.23
CA GLN A 162 9.06 -7.28 15.78
C GLN A 162 7.75 -7.70 15.12
N VAL A 163 7.23 -6.81 14.28
CA VAL A 163 5.91 -6.97 13.63
C VAL A 163 6.04 -7.59 12.24
N LEU A 164 5.25 -8.64 11.96
CA LEU A 164 5.38 -9.43 10.74
C LEU A 164 4.37 -9.08 9.67
N ASN A 165 3.28 -8.45 10.08
CA ASN A 165 2.23 -8.02 9.11
C ASN A 165 1.36 -6.97 9.74
N PHE A 166 0.45 -6.43 8.92
CA PHE A 166 -0.46 -5.38 9.40
C PHE A 166 -1.88 -5.86 9.50
N SER A 167 -2.02 -7.15 9.76
CA SER A 167 -3.35 -7.72 10.11
C SER A 167 -4.36 -7.55 8.91
N TYR A 168 -5.65 -7.53 9.24
CA TYR A 168 -6.69 -7.42 8.25
C TYR A 168 -6.76 -6.01 7.69
N PHE A 169 -6.11 -5.04 8.33
CA PHE A 169 -6.19 -3.66 7.84
C PHE A 169 -5.55 -3.57 6.44
N GLN A 170 -4.43 -4.26 6.25
CA GLN A 170 -3.82 -4.32 4.92
C GLN A 170 -4.50 -5.28 3.98
N THR A 171 -4.83 -6.49 4.46
CA THR A 171 -5.44 -7.51 3.62
C THR A 171 -6.79 -7.04 3.04
N ASP A 172 -7.57 -6.36 3.86
CA ASP A 172 -8.95 -6.02 3.42
C ASP A 172 -8.97 -4.69 2.68
N PHE A 173 -7.95 -3.81 2.93
CA PHE A 173 -7.95 -2.46 2.35
C PHE A 173 -6.60 -2.21 1.63
N PRO A 174 -6.27 -3.05 0.65
CA PRO A 174 -4.88 -3.03 0.10
C PRO A 174 -4.49 -1.72 -0.56
N ASP A 175 -5.45 -0.99 -1.11
CA ASP A 175 -5.11 0.29 -1.81
C ASP A 175 -5.03 1.50 -0.90
N THR A 176 -5.61 1.41 0.30
CA THR A 176 -5.70 2.58 1.14
C THR A 176 -4.84 2.50 2.40
N PHE A 177 -4.67 1.29 2.98
CA PHE A 177 -3.84 1.17 4.16
C PHE A 177 -2.43 1.64 3.84
N ARG A 178 -1.90 2.52 4.71
CA ARG A 178 -0.52 3.06 4.55
C ARG A 178 0.16 3.12 5.90
N THR A 179 1.47 2.88 5.88
CA THR A 179 2.29 3.10 7.05
C THR A 179 2.60 4.58 7.16
N ALA A 180 3.00 5.01 8.36
CA ALA A 180 3.49 6.41 8.54
C ALA A 180 4.75 6.60 7.67
N VAL A 181 5.55 5.54 7.54
CA VAL A 181 6.78 5.58 6.74
C VAL A 181 6.44 5.96 5.27
N GLU A 182 5.42 5.30 4.72
CA GLU A 182 5.11 5.52 3.28
C GLU A 182 4.40 6.87 3.09
N ILE A 183 3.57 7.27 4.05
CA ILE A 183 2.91 8.62 3.93
C ILE A 183 4.00 9.70 3.93
N ARG A 184 5.00 9.59 4.86
CA ARG A 184 6.14 10.54 4.87
C ARG A 184 6.90 10.57 3.53
N HIS A 185 7.17 9.40 2.93
CA HIS A 185 7.86 9.33 1.63
C HIS A 185 7.07 10.04 0.55
N GLU A 186 5.77 9.75 0.49
CA GLU A 186 4.88 10.35 -0.51
CA GLU A 186 4.87 10.34 -0.50
C GLU A 186 4.73 11.87 -0.36
N ILE A 187 4.58 12.36 0.87
CA ILE A 187 4.56 13.84 1.10
C ILE A 187 5.85 14.44 0.54
N GLN A 188 6.95 13.75 0.79
CA GLN A 188 8.27 14.26 0.44
C GLN A 188 8.37 14.44 -1.03
N GLU A 189 7.98 13.40 -1.75
CA GLU A 189 8.23 13.44 -3.15
CA GLU A 189 8.20 13.41 -3.17
C GLU A 189 7.27 14.38 -3.86
N ARG A 190 6.02 14.46 -3.37
CA ARG A 190 5.00 15.31 -4.01
C ARG A 190 5.35 16.79 -3.83
N GLY A 191 6.35 17.06 -3.00
CA GLY A 191 6.88 18.43 -2.79
C GLY A 191 6.17 19.31 -1.76
N TRP A 192 5.24 18.71 -1.01
CA TRP A 192 4.45 19.47 -0.03
C TRP A 192 5.30 19.89 1.17
N GLN A 193 5.22 21.19 1.53
CA GLN A 193 5.94 21.77 2.68
C GLN A 193 5.08 21.96 3.93
N LYS A 194 3.79 22.27 3.71
CA LYS A 194 2.83 22.34 4.80
C LYS A 194 1.69 21.41 4.42
N ILE A 195 1.27 20.59 5.37
CA ILE A 195 0.32 19.50 5.07
C ILE A 195 -0.72 19.43 6.19
N VAL A 196 -2.02 19.56 5.84
CA VAL A 196 -3.11 19.41 6.83
C VAL A 196 -3.55 17.96 6.88
N ALA A 197 -3.81 17.39 8.07
CA ALA A 197 -4.37 16.02 8.14
C ALA A 197 -5.81 16.11 8.62
N PHE A 198 -6.68 15.27 8.05
CA PHE A 198 -8.10 15.22 8.40
C PHE A 198 -8.51 13.77 8.54
N GLN A 199 -9.08 13.40 9.69
CA GLN A 199 -9.55 12.02 9.93
C GLN A 199 -11.02 11.88 9.53
N THR A 200 -11.37 10.77 8.89
CA THR A 200 -12.80 10.47 8.69
C THR A 200 -13.00 8.97 8.59
N ARG A 201 -14.23 8.49 8.87
CA ARG A 201 -14.50 7.09 8.53
C ARG A 201 -15.66 6.96 7.56
N ASN A 202 -16.28 8.08 7.22
CA ASN A 202 -17.32 8.03 6.21
C ASN A 202 -17.11 9.02 5.03
N PRO A 203 -17.97 8.93 4.00
CA PRO A 203 -17.89 9.88 2.88
C PRO A 203 -17.89 11.33 3.32
N MET A 204 -17.19 12.17 2.56
CA MET A 204 -17.10 13.58 2.91
C MET A 204 -18.05 14.36 2.01
N HIS A 205 -19.04 15.01 2.61
CA HIS A 205 -19.90 15.93 1.88
C HIS A 205 -19.32 17.34 1.92
N ARG A 206 -20.09 18.30 1.41
CA ARG A 206 -19.52 19.63 1.18
C ARG A 206 -19.00 20.30 2.44
N ALA A 207 -19.62 20.01 3.59
CA ALA A 207 -19.19 20.65 4.84
C ALA A 207 -17.76 20.25 5.20
N HIS A 208 -17.48 18.95 5.08
CA HIS A 208 -16.16 18.42 5.46
C HIS A 208 -15.14 18.76 4.41
N GLU A 209 -15.58 18.78 3.15
CA GLU A 209 -14.71 19.15 2.03
C GLU A 209 -14.24 20.59 2.23
N GLU A 210 -15.19 21.48 2.52
CA GLU A 210 -14.89 22.88 2.70
C GLU A 210 -14.09 23.14 3.99
N LEU A 211 -14.28 22.32 5.02
CA LEU A 211 -13.49 22.46 6.23
C LEU A 211 -12.02 22.19 5.92
N CYS A 212 -11.74 21.15 5.13
CA CYS A 212 -10.35 20.87 4.70
C CYS A 212 -9.79 22.05 3.92
N LYS A 213 -10.58 22.61 3.02
CA LYS A 213 -10.13 23.77 2.20
C LYS A 213 -9.88 25.02 3.02
N MET A 214 -10.79 25.30 3.98
CA MET A 214 -10.58 26.42 4.96
C MET A 214 -9.28 26.26 5.73
N ALA A 215 -9.03 25.05 6.23
CA ALA A 215 -7.80 24.78 6.97
C ALA A 215 -6.58 24.99 6.06
N MET A 216 -6.64 24.45 4.84
CA MET A 216 -5.54 24.62 3.90
C MET A 216 -5.26 26.08 3.60
N GLU A 217 -6.30 26.90 3.38
CA GLU A 217 -6.09 28.32 3.08
C GLU A 217 -5.53 29.05 4.30
N ALA A 218 -5.98 28.66 5.48
CA ALA A 218 -5.60 29.39 6.71
C ALA A 218 -4.11 29.24 7.04
N VAL A 219 -3.58 28.05 6.78
CA VAL A 219 -2.20 27.74 7.18
C VAL A 219 -1.26 27.69 5.97
N GLU A 220 -1.79 28.10 4.81
CA GLU A 220 -1.10 28.07 3.51
C GLU A 220 -0.56 26.68 3.16
N ALA A 221 -1.38 25.65 3.37
CA ALA A 221 -0.96 24.27 3.09
C ALA A 221 -0.89 23.96 1.59
N ASP A 222 0.01 23.04 1.27
CA ASP A 222 0.17 22.55 -0.08
C ASP A 222 -0.72 21.34 -0.35
N GLY A 223 -1.18 20.69 0.70
CA GLY A 223 -1.98 19.49 0.50
C GLY A 223 -2.66 19.07 1.78
N VAL A 224 -3.64 18.16 1.62
CA VAL A 224 -4.34 17.50 2.75
C VAL A 224 -4.20 15.97 2.62
N VAL A 225 -3.89 15.33 3.76
CA VAL A 225 -3.92 13.89 3.84
C VAL A 225 -5.27 13.56 4.49
N ILE A 226 -6.11 12.79 3.78
CA ILE A 226 -7.43 12.34 4.32
C ILE A 226 -7.04 10.98 4.89
N HIS A 227 -7.09 10.85 6.19
CA HIS A 227 -6.50 9.69 6.89
C HIS A 227 -7.71 8.92 7.42
N MET A 228 -8.08 7.87 6.70
CA MET A 228 -9.35 7.16 7.00
C MET A 228 -9.14 6.09 8.06
N LEU A 229 -10.07 6.01 8.99
CA LEU A 229 -9.94 5.01 10.04
C LEU A 229 -10.52 3.72 9.44
N LEU A 230 -9.66 2.73 9.23
CA LEU A 230 -10.06 1.44 8.68
C LEU A 230 -10.42 0.49 9.82
N GLY A 231 -11.44 -0.34 9.60
CA GLY A 231 -11.77 -1.30 10.63
C GLY A 231 -12.99 -2.06 10.22
N GLN A 232 -13.49 -2.91 11.12
CA GLN A 232 -14.71 -3.68 10.80
C GLN A 232 -15.91 -2.73 10.67
N LEU A 233 -16.78 -3.00 9.70
CA LEU A 233 -17.92 -2.11 9.40
C LEU A 233 -18.92 -2.05 10.56
N LYS A 234 -19.24 -0.84 10.98
CA LYS A 234 -20.20 -0.58 12.06
C LYS A 234 -21.61 -0.31 11.51
N PRO A 235 -22.66 -0.73 12.23
CA PRO A 235 -24.07 -0.52 11.76
C PRO A 235 -24.34 0.87 11.12
N GLY A 236 -24.88 0.90 9.90
CA GLY A 236 -25.08 2.17 9.14
C GLY A 236 -23.87 2.83 8.47
N ASP A 237 -22.68 2.24 8.62
CA ASP A 237 -21.50 2.75 7.92
C ASP A 237 -21.58 2.40 6.40
N ILE A 238 -20.91 3.21 5.57
CA ILE A 238 -20.85 2.96 4.14
C ILE A 238 -19.73 1.94 3.88
N PRO A 239 -20.03 0.82 3.20
CA PRO A 239 -18.99 -0.15 2.85
C PRO A 239 -17.78 0.51 2.20
N ALA A 240 -16.61 -0.02 2.50
CA ALA A 240 -15.35 0.56 2.06
C ALA A 240 -15.25 0.93 0.57
N PRO A 241 -15.64 0.04 -0.36
CA PRO A 241 -15.52 0.42 -1.79
C PRO A 241 -16.34 1.67 -2.14
N VAL A 242 -17.52 1.79 -1.54
CA VAL A 242 -18.42 2.89 -1.85
C VAL A 242 -17.85 4.15 -1.18
N ARG A 243 -17.37 4.03 0.07
CA ARG A 243 -16.79 5.16 0.79
C ARG A 243 -15.58 5.69 0.00
N ASP A 244 -14.74 4.75 -0.45
CA ASP A 244 -13.53 5.12 -1.19
C ASP A 244 -13.88 5.83 -2.49
N ALA A 245 -14.83 5.28 -3.26
CA ALA A 245 -15.25 5.93 -4.52
C ALA A 245 -15.75 7.35 -4.27
N ALA A 246 -16.56 7.54 -3.21
CA ALA A 246 -17.06 8.90 -2.90
C ALA A 246 -15.94 9.89 -2.57
N ILE A 247 -14.98 9.47 -1.75
CA ILE A 247 -13.88 10.34 -1.32
C ILE A 247 -12.98 10.64 -2.50
N ARG A 248 -12.69 9.60 -3.30
CA ARG A 248 -11.77 9.79 -4.46
C ARG A 248 -12.41 10.64 -5.52
N THR A 249 -13.72 10.51 -5.69
CA THR A 249 -14.43 11.35 -6.68
C THR A 249 -14.42 12.83 -6.27
N MET A 250 -14.63 13.09 -4.98
CA MET A 250 -14.55 14.45 -4.44
C MET A 250 -13.15 15.01 -4.71
N ALA A 251 -12.14 14.22 -4.39
CA ALA A 251 -10.74 14.66 -4.54
C ALA A 251 -10.40 15.05 -5.99
N GLU A 252 -10.80 14.18 -6.91
CA GLU A 252 -10.48 14.36 -8.34
C GLU A 252 -11.17 15.52 -8.99
N LEU A 253 -12.44 15.74 -8.63
CA LEU A 253 -13.26 16.70 -9.36
C LEU A 253 -13.30 18.11 -8.72
N TYR A 254 -13.06 18.19 -7.40
CA TYR A 254 -13.30 19.44 -6.67
C TYR A 254 -12.04 20.02 -5.98
N PHE A 255 -10.93 19.30 -6.02
CA PHE A 255 -9.69 19.86 -5.52
C PHE A 255 -8.71 20.13 -6.66
N PRO A 256 -7.78 21.07 -6.49
CA PRO A 256 -6.77 21.28 -7.54
C PRO A 256 -5.81 20.09 -7.68
N PRO A 257 -5.06 20.03 -8.77
CA PRO A 257 -4.05 18.96 -8.94
C PRO A 257 -3.00 18.90 -7.83
N ASN A 258 -2.65 17.68 -7.47
CA ASN A 258 -1.63 17.43 -6.45
C ASN A 258 -1.91 18.15 -5.10
N THR A 259 -3.15 18.05 -4.61
CA THR A 259 -3.49 18.63 -3.31
C THR A 259 -4.08 17.63 -2.33
N VAL A 260 -4.39 16.40 -2.78
CA VAL A 260 -5.05 15.44 -1.86
C VAL A 260 -4.32 14.10 -1.87
N MET A 261 -4.12 13.50 -0.67
CA MET A 261 -3.69 12.13 -0.53
CA MET A 261 -3.68 12.13 -0.55
C MET A 261 -4.74 11.36 0.25
N VAL A 262 -5.31 10.32 -0.35
CA VAL A 262 -6.33 9.47 0.32
C VAL A 262 -5.66 8.21 0.88
N THR A 263 -5.78 8.04 2.20
CA THR A 263 -4.97 7.02 2.89
C THR A 263 -5.77 6.50 4.03
N GLY A 264 -5.22 5.52 4.71
CA GLY A 264 -5.91 4.94 5.88
C GLY A 264 -4.98 4.25 6.85
N TYR A 265 -5.49 4.04 8.07
CA TYR A 265 -4.68 3.36 9.08
C TYR A 265 -5.60 2.48 9.91
N GLY A 266 -4.99 1.61 10.70
CA GLY A 266 -5.77 0.67 11.55
C GLY A 266 -5.40 0.77 13.02
N PHE A 267 -6.41 1.06 13.86
CA PHE A 267 -6.22 1.23 15.31
C PHE A 267 -7.64 1.31 15.97
N ASP A 268 -7.87 0.56 17.04
CA ASP A 268 -9.22 0.58 17.64
C ASP A 268 -9.44 1.91 18.34
N MET A 269 -10.57 2.56 18.06
CA MET A 269 -10.93 3.81 18.74
C MET A 269 -10.98 3.64 20.26
N LEU A 270 -10.44 4.63 20.98
CA LEU A 270 -10.52 4.65 22.45
C LEU A 270 -11.76 5.37 23.01
N TYR A 271 -12.39 6.18 22.18
CA TYR A 271 -13.48 7.06 22.63
C TYR A 271 -13.06 7.94 23.81
N ALA A 272 -11.81 8.40 23.82
CA ALA A 272 -11.22 9.09 24.99
C ALA A 272 -11.10 10.60 24.83
N GLY A 273 -11.76 11.12 23.80
CA GLY A 273 -11.92 12.60 23.66
C GLY A 273 -10.57 13.30 23.68
N PRO A 274 -10.43 14.30 24.56
CA PRO A 274 -9.20 15.11 24.59
C PRO A 274 -7.93 14.27 24.70
N ARG A 275 -7.90 13.25 25.57
CA ARG A 275 -6.69 12.42 25.57
C ARG A 275 -6.37 11.70 24.22
N GLU A 276 -7.40 11.25 23.50
CA GLU A 276 -7.21 10.58 22.24
C GLU A 276 -6.78 11.59 21.18
N ALA A 277 -7.25 12.85 21.31
CA ALA A 277 -6.85 13.90 20.37
C ALA A 277 -5.33 14.12 20.43
N VAL A 278 -4.73 14.02 21.63
CA VAL A 278 -3.28 14.14 21.73
C VAL A 278 -2.57 12.97 21.03
N LEU A 279 -3.09 11.77 21.21
CA LEU A 279 -2.55 10.61 20.50
C LEU A 279 -2.63 10.80 18.98
N HIS A 280 -3.80 11.27 18.50
CA HIS A 280 -4.01 11.62 17.07
C HIS A 280 -2.97 12.59 16.55
N ALA A 281 -2.70 13.66 17.31
CA ALA A 281 -1.69 14.64 16.91
C ALA A 281 -0.30 13.99 16.85
N TYR A 282 -0.02 13.14 17.83
CA TYR A 282 1.27 12.47 17.89
C TYR A 282 1.54 11.64 16.62
N PHE A 283 0.61 10.76 16.25
CA PHE A 283 0.88 9.92 15.09
C PHE A 283 0.79 10.64 13.74
N ARG A 284 0.03 11.74 13.73
CA ARG A 284 -0.04 12.55 12.52
C ARG A 284 1.26 13.30 12.30
N GLN A 285 1.93 13.70 13.38
CA GLN A 285 3.26 14.32 13.21
C GLN A 285 4.21 13.27 12.68
N ASN A 286 4.14 12.05 13.24
CA ASN A 286 5.01 10.96 12.70
C ASN A 286 4.85 10.68 11.19
N MET A 287 3.62 10.77 10.69
CA MET A 287 3.37 10.54 9.27
C MET A 287 3.77 11.76 8.39
N GLY A 288 4.09 12.94 9.01
CA GLY A 288 4.62 14.07 8.24
C GLY A 288 3.68 15.27 8.11
N ALA A 289 2.51 15.19 8.75
CA ALA A 289 1.58 16.33 8.71
C ALA A 289 2.10 17.45 9.60
N THR A 290 1.88 18.69 9.16
CA THR A 290 2.28 19.87 9.92
C THR A 290 1.13 20.47 10.72
N HIS A 291 -0.11 20.15 10.32
CA HIS A 291 -1.32 20.70 10.91
C HIS A 291 -2.36 19.58 11.02
N PHE A 292 -3.18 19.61 12.05
CA PHE A 292 -4.19 18.59 12.27
C PHE A 292 -5.49 19.27 12.65
N ILE A 293 -6.58 18.92 11.96
CA ILE A 293 -7.88 19.55 12.21
C ILE A 293 -8.57 18.85 13.39
N ILE A 294 -8.98 19.64 14.37
CA ILE A 294 -9.75 19.15 15.54
C ILE A 294 -10.96 20.07 15.66
N GLY A 295 -12.13 19.49 15.49
CA GLY A 295 -13.42 20.20 15.65
C GLY A 295 -14.09 19.99 17.00
N ARG A 296 -15.40 20.21 17.05
CA ARG A 296 -16.19 20.04 18.27
C ARG A 296 -16.34 18.58 18.62
N ASP A 297 -16.18 18.25 19.92
CA ASP A 297 -16.36 16.89 20.41
C ASP A 297 -15.47 15.87 19.77
N HIS A 298 -14.26 16.28 19.38
CA HIS A 298 -13.36 15.37 18.71
C HIS A 298 -13.08 14.11 19.53
N ALA A 299 -13.26 12.95 18.89
CA ALA A 299 -13.01 11.60 19.49
C ALA A 299 -13.88 11.32 20.73
N GLY A 300 -14.98 12.05 20.86
CA GLY A 300 -15.84 11.97 22.05
C GLY A 300 -16.88 10.86 22.00
N VAL A 301 -17.54 10.68 23.13
CA VAL A 301 -18.68 9.76 23.30
C VAL A 301 -19.52 10.32 24.43
N GLY A 302 -20.83 10.07 24.38
CA GLY A 302 -21.73 10.42 25.48
C GLY A 302 -21.61 11.89 25.87
N ASP A 303 -21.58 12.16 27.17
CA ASP A 303 -21.52 13.53 27.67
C ASP A 303 -20.29 13.81 28.53
N TYR A 304 -19.23 13.01 28.38
CA TYR A 304 -18.11 13.09 29.31
C TYR A 304 -17.20 14.29 29.12
N TYR A 305 -17.13 14.83 27.90
CA TYR A 305 -16.18 15.88 27.59
C TYR A 305 -16.85 17.19 27.13
N GLY A 306 -16.22 18.30 27.45
CA GLY A 306 -16.71 19.59 26.94
C GLY A 306 -16.45 19.68 25.44
N PRO A 307 -17.26 20.46 24.71
CA PRO A 307 -17.19 20.51 23.23
C PRO A 307 -15.80 20.87 22.65
N PHE A 308 -15.05 21.74 23.35
CA PHE A 308 -13.71 22.15 22.88
C PHE A 308 -12.55 21.69 23.76
N ASP A 309 -12.83 20.77 24.69
CA ASP A 309 -11.77 20.23 25.54
C ASP A 309 -10.63 19.58 24.74
N ALA A 310 -10.97 18.95 23.61
CA ALA A 310 -9.93 18.33 22.79
C ALA A 310 -9.06 19.35 22.07
N GLN A 311 -9.53 20.59 21.95
CA GLN A 311 -8.65 21.65 21.48
C GLN A 311 -7.81 22.24 22.62
N THR A 312 -8.43 22.53 23.76
CA THR A 312 -7.75 23.26 24.83
C THR A 312 -6.75 22.39 25.63
N ILE A 313 -6.85 21.07 25.50
CA ILE A 313 -5.91 20.19 26.20
C ILE A 313 -4.47 20.54 25.73
N PHE A 314 -4.35 21.06 24.51
CA PHE A 314 -3.03 21.40 23.97
C PHE A 314 -2.42 22.66 24.61
N ASP A 315 -3.26 23.49 25.24
CA ASP A 315 -2.81 24.74 25.88
C ASP A 315 -2.11 24.51 27.20
N ASP A 316 -2.65 23.60 28.00
CA ASP A 316 -2.18 23.45 29.37
C ASP A 316 -1.56 22.09 29.62
N ALA A 317 -2.30 21.02 29.32
CA ALA A 317 -1.90 19.70 29.75
C ALA A 317 -0.72 19.11 28.97
N VAL A 318 -0.67 19.35 27.67
CA VAL A 318 0.39 18.76 26.85
C VAL A 318 1.66 19.57 27.14
N PRO A 319 2.75 18.90 27.56
CA PRO A 319 3.98 19.61 27.92
C PRO A 319 4.46 20.50 26.78
N THR A 320 5.10 21.61 27.13
CA THR A 320 5.55 22.58 26.12
C THR A 320 6.56 21.94 25.16
N ASP A 321 6.39 22.27 23.88
CA ASP A 321 7.31 21.86 22.83
C ASP A 321 7.61 20.34 22.68
N VAL A 322 6.77 19.46 23.21
CA VAL A 322 6.92 18.04 22.85
C VAL A 322 6.43 17.73 21.43
N LEU A 323 5.44 18.49 20.96
CA LEU A 323 4.89 18.31 19.63
C LEU A 323 5.21 19.51 18.78
N ALA A 324 5.53 19.27 17.52
CA ALA A 324 5.71 20.35 16.58
C ALA A 324 4.50 20.58 15.70
N ILE A 325 3.66 19.54 15.53
CA ILE A 325 2.41 19.67 14.74
C ILE A 325 1.50 20.70 15.40
N GLU A 326 0.78 21.46 14.58
CA GLU A 326 -0.11 22.54 15.07
C GLU A 326 -1.56 22.12 14.87
N ILE A 327 -2.46 22.63 15.71
CA ILE A 327 -3.87 22.27 15.60
C ILE A 327 -4.59 23.38 14.84
N PHE A 328 -5.40 22.99 13.85
CA PHE A 328 -6.37 23.88 13.27
C PHE A 328 -7.69 23.65 14.02
N ARG A 329 -8.18 24.67 14.70
CA ARG A 329 -9.35 24.54 15.57
C ARG A 329 -10.60 24.80 14.76
N ALA A 330 -11.33 23.73 14.47
CA ALA A 330 -12.57 23.81 13.69
C ALA A 330 -13.80 23.96 14.58
N ASP A 331 -14.94 24.29 13.95
CA ASP A 331 -16.22 24.42 14.66
C ASP A 331 -17.31 24.15 13.61
N ASN A 332 -18.57 24.18 14.04
CA ASN A 332 -19.72 23.90 13.16
C ASN A 332 -19.71 24.81 11.92
N THR A 333 -20.10 24.23 10.79
CA THR A 333 -20.22 24.98 9.52
C THR A 333 -21.67 25.11 9.11
N ALA A 334 -21.92 26.02 8.17
CA ALA A 334 -23.25 26.22 7.58
C ALA A 334 -22.98 26.85 6.20
N TYR A 335 -23.99 26.83 5.34
CA TYR A 335 -23.88 27.49 4.07
C TYR A 335 -24.36 28.90 4.31
N SER A 336 -23.51 29.87 3.97
CA SER A 336 -23.87 31.29 4.01
C SER A 336 -24.55 31.71 2.72
N LYS A 337 -25.79 32.19 2.84
CA LYS A 337 -26.53 32.69 1.70
C LYS A 337 -25.86 33.97 1.21
N LYS A 338 -25.34 34.76 2.15
CA LYS A 338 -24.73 36.05 1.81
C LYS A 338 -23.43 35.87 1.03
N LEU A 339 -22.63 34.86 1.40
CA LEU A 339 -21.32 34.64 0.77
C LEU A 339 -21.33 33.60 -0.35
N GLY A 340 -22.38 32.77 -0.40
CA GLY A 340 -22.47 31.70 -1.39
C GLY A 340 -21.47 30.59 -1.22
N ARG A 341 -21.17 30.23 0.03
CA ARG A 341 -20.28 29.16 0.29
C ARG A 341 -20.42 28.73 1.74
N VAL A 342 -19.84 27.57 2.00
CA VAL A 342 -19.80 26.99 3.33
C VAL A 342 -18.76 27.73 4.18
N VAL A 343 -19.16 28.11 5.38
CA VAL A 343 -18.25 28.80 6.31
C VAL A 343 -18.37 28.16 7.71
N MET A 344 -17.37 28.41 8.55
CA MET A 344 -17.53 28.20 9.99
C MET A 344 -18.36 29.39 10.54
N MET A 345 -19.48 29.06 11.16
CA MET A 345 -20.40 30.08 11.64
C MET A 345 -19.73 31.10 12.57
N ARG A 346 -18.83 30.62 13.41
CA ARG A 346 -18.07 31.43 14.38
C ARG A 346 -17.25 32.54 13.70
N ASP A 347 -16.90 32.33 12.43
CA ASP A 347 -16.03 33.23 11.68
C ASP A 347 -16.81 34.18 10.78
N ALA A 348 -18.13 34.10 10.84
CA ALA A 348 -19.00 35.05 10.16
C ALA A 348 -19.89 35.78 11.19
N PRO A 349 -19.29 36.62 12.04
CA PRO A 349 -20.05 37.24 13.14
C PRO A 349 -21.03 38.33 12.67
N ASP A 350 -20.87 38.75 11.40
CA ASP A 350 -21.74 39.76 10.78
C ASP A 350 -23.10 39.18 10.37
N HIS A 351 -23.20 37.85 10.39
CA HIS A 351 -24.42 37.13 10.01
C HIS A 351 -25.41 36.99 11.17
N THR A 352 -26.69 37.01 10.83
CA THR A 352 -27.78 36.60 11.72
C THR A 352 -28.06 35.12 11.43
N PRO A 353 -28.82 34.43 12.29
CA PRO A 353 -29.13 33.02 12.04
C PRO A 353 -29.81 32.78 10.70
N ASP A 354 -30.64 33.72 10.26
CA ASP A 354 -31.36 33.61 8.99
C ASP A 354 -30.45 33.69 7.74
N ASP A 355 -29.20 34.12 7.92
CA ASP A 355 -28.28 34.18 6.79
C ASP A 355 -27.66 32.83 6.49
N PHE A 356 -27.92 31.85 7.35
CA PHE A 356 -27.35 30.49 7.17
C PHE A 356 -28.39 29.47 6.73
N ILE A 357 -27.95 28.48 5.97
CA ILE A 357 -28.77 27.31 5.75
C ILE A 357 -27.97 26.15 6.33
N GLN A 358 -28.66 25.30 7.07
CA GLN A 358 -28.03 24.19 7.73
C GLN A 358 -28.70 22.88 7.35
N LEU A 359 -27.88 21.84 7.22
CA LEU A 359 -28.39 20.51 6.92
C LEU A 359 -27.42 19.50 7.48
N SER A 360 -27.89 18.69 8.42
CA SER A 360 -26.98 17.82 9.13
C SER A 360 -26.51 16.65 8.26
N GLY A 361 -25.44 16.02 8.70
CA GLY A 361 -24.93 14.80 8.08
C GLY A 361 -26.01 13.72 8.14
N THR A 362 -26.82 13.75 9.19
CA THR A 362 -27.89 12.77 9.31
C THR A 362 -28.93 12.99 8.23
N ARG A 363 -29.36 14.23 8.07
CA ARG A 363 -30.33 14.58 7.04
C ARG A 363 -29.81 14.24 5.61
N VAL A 364 -28.54 14.53 5.33
CA VAL A 364 -27.95 14.17 4.03
C VAL A 364 -28.04 12.65 3.77
N ARG A 365 -27.72 11.86 4.79
CA ARG A 365 -27.75 10.40 4.67
C ARG A 365 -29.20 9.91 4.41
N GLU A 366 -30.16 10.47 5.15
CA GLU A 366 -31.57 10.13 4.95
C GLU A 366 -32.00 10.40 3.49
N MET A 367 -31.65 11.59 2.98
CA MET A 367 -32.04 11.97 1.61
C MET A 367 -31.47 11.00 0.57
N LEU A 368 -30.17 10.71 0.71
CA LEU A 368 -29.47 9.77 -0.18
C LEU A 368 -30.13 8.39 -0.18
N GLY A 369 -30.48 7.89 1.01
CA GLY A 369 -31.22 6.62 1.11
C GLY A 369 -32.60 6.65 0.49
N GLN A 370 -33.18 7.83 0.30
CA GLN A 370 -34.50 7.94 -0.31
C GLN A 370 -34.39 8.20 -1.83
N GLY A 371 -33.14 8.24 -2.31
CA GLY A 371 -32.88 8.54 -3.72
C GLY A 371 -33.12 10.00 -4.09
N GLU A 372 -32.92 10.92 -3.15
CA GLU A 372 -33.05 12.34 -3.44
C GLU A 372 -31.69 12.97 -3.24
N ALA A 373 -31.19 13.65 -4.27
CA ALA A 373 -29.90 14.30 -4.09
C ALA A 373 -30.10 15.51 -3.18
N PRO A 374 -29.21 15.70 -2.21
CA PRO A 374 -29.30 16.91 -1.39
C PRO A 374 -29.02 18.12 -2.26
N PRO A 375 -29.33 19.31 -1.75
CA PRO A 375 -29.04 20.52 -2.49
C PRO A 375 -27.54 20.62 -2.76
N PRO A 376 -27.14 21.26 -3.86
CA PRO A 376 -25.70 21.33 -4.18
C PRO A 376 -24.88 22.13 -3.18
N GLU A 377 -25.56 22.89 -2.31
CA GLU A 377 -24.89 23.56 -1.17
C GLU A 377 -24.32 22.58 -0.14
N PHE A 378 -24.83 21.34 -0.13
CA PHE A 378 -24.44 20.36 0.89
C PHE A 378 -23.84 19.06 0.36
N SER A 379 -24.11 18.74 -0.89
CA SER A 379 -23.56 17.51 -1.50
C SER A 379 -23.20 17.71 -2.97
N ARG A 380 -22.04 17.20 -3.39
CA ARG A 380 -21.69 17.26 -4.82
C ARG A 380 -22.51 16.23 -5.60
N PRO A 381 -23.03 16.59 -6.77
CA PRO A 381 -23.88 15.62 -7.50
C PRO A 381 -23.21 14.25 -7.74
N GLU A 382 -21.90 14.24 -8.03
CA GLU A 382 -21.25 12.96 -8.39
C GLU A 382 -21.05 12.09 -7.15
N VAL A 383 -20.85 12.74 -6.01
CA VAL A 383 -20.74 12.03 -4.72
C VAL A 383 -22.15 11.49 -4.34
N ALA A 384 -23.15 12.36 -4.43
CA ALA A 384 -24.52 11.94 -4.18
C ALA A 384 -24.90 10.73 -5.03
N GLN A 385 -24.52 10.75 -6.33
CA GLN A 385 -24.92 9.66 -7.22
C GLN A 385 -24.33 8.31 -6.75
N ILE A 386 -23.07 8.33 -6.36
CA ILE A 386 -22.37 7.12 -5.90
C ILE A 386 -23.12 6.50 -4.70
N LEU A 387 -23.47 7.36 -3.75
CA LEU A 387 -24.22 6.91 -2.56
C LEU A 387 -25.67 6.48 -2.91
N MET A 388 -26.35 7.21 -3.78
CA MET A 388 -27.74 6.83 -4.14
C MET A 388 -27.77 5.50 -4.84
N ASP A 389 -26.74 5.25 -5.65
CA ASP A 389 -26.66 4.02 -6.43
C ASP A 389 -26.45 2.86 -5.46
N TYR A 390 -25.60 3.09 -4.45
CA TYR A 390 -25.37 2.11 -3.40
C TYR A 390 -26.68 1.80 -2.65
N TYR A 391 -27.36 2.83 -2.13
CA TYR A 391 -28.60 2.55 -1.37
C TYR A 391 -29.66 1.86 -2.19
N ARG A 392 -29.78 2.24 -3.46
CA ARG A 392 -30.77 1.61 -4.35
C ARG A 392 -30.43 0.12 -4.61
N SER A 393 -29.16 -0.24 -4.60
CA SER A 393 -28.71 -1.62 -4.88
C SER A 393 -29.10 -2.64 -3.81
N LEU A 394 -29.37 -2.17 -2.59
CA LEU A 394 -29.61 -3.04 -1.42
C LEU A 394 -30.94 -3.77 -1.53
N PRO A 395 -30.99 -5.02 -1.10
CA PRO A 395 -32.26 -5.79 -1.19
C PRO A 395 -33.35 -5.23 -0.26
N GLN A 396 -32.94 -4.48 0.76
CA GLN A 396 -33.80 -3.98 1.84
C GLN A 396 -35.22 -3.58 1.41
N MET B 1 -7.21 10.40 -18.43
CA MET B 1 -6.29 9.24 -18.23
C MET B 1 -6.35 8.33 -19.46
N ILE B 2 -5.24 7.70 -19.79
CA ILE B 2 -5.23 6.70 -20.86
C ILE B 2 -6.22 5.58 -20.51
N LYS B 3 -6.94 5.09 -21.51
CA LYS B 3 -7.98 4.10 -21.23
C LYS B 3 -7.32 2.76 -20.89
N PRO B 4 -7.94 1.97 -20.02
CA PRO B 4 -7.50 0.59 -19.80
C PRO B 4 -7.58 -0.20 -21.12
N VAL B 5 -6.86 -1.31 -21.21
CA VAL B 5 -6.91 -2.10 -22.44
C VAL B 5 -8.19 -2.91 -22.46
N GLY B 6 -9.01 -2.70 -23.48
CA GLY B 6 -10.18 -3.55 -23.70
C GLY B 6 -11.41 -3.27 -22.84
N SER B 7 -11.38 -2.20 -22.06
CA SER B 7 -12.56 -1.72 -21.30
C SER B 7 -12.39 -0.26 -20.94
N ASP B 8 -13.49 0.38 -20.54
CA ASP B 8 -13.45 1.77 -20.10
C ASP B 8 -12.90 1.97 -18.68
N GLU B 9 -13.08 0.95 -17.83
CA GLU B 9 -12.60 0.98 -16.45
C GLU B 9 -11.86 -0.31 -16.14
N LEU B 10 -10.93 -0.27 -15.20
CA LEU B 10 -10.29 -1.56 -14.80
C LEU B 10 -11.31 -2.52 -14.17
N ARG B 11 -11.10 -3.81 -14.45
CA ARG B 11 -11.95 -4.87 -13.88
C ARG B 11 -11.09 -5.85 -13.09
N PRO B 12 -10.52 -5.40 -11.95
CA PRO B 12 -9.68 -6.31 -11.14
C PRO B 12 -10.46 -7.45 -10.50
N ARG B 13 -9.76 -8.53 -10.16
CA ARG B 13 -10.44 -9.71 -9.57
C ARG B 13 -10.36 -9.78 -8.04
N PHE B 14 -9.68 -8.81 -7.42
CA PHE B 14 -9.64 -8.74 -5.94
C PHE B 14 -11.03 -8.46 -5.36
N VAL B 15 -11.31 -9.07 -4.21
CA VAL B 15 -12.60 -8.84 -3.54
C VAL B 15 -12.50 -7.61 -2.62
N TYR B 16 -12.79 -6.44 -3.18
CA TYR B 16 -12.66 -5.20 -2.43
C TYR B 16 -13.69 -5.02 -1.32
N ASP B 17 -14.85 -5.65 -1.43
CA ASP B 17 -15.85 -5.49 -0.38
C ASP B 17 -15.46 -6.37 0.82
N PRO B 18 -15.11 -5.77 1.96
CA PRO B 18 -14.63 -6.60 3.11
C PRO B 18 -15.63 -7.67 3.60
N GLU B 19 -16.91 -7.38 3.58
CA GLU B 19 -17.86 -8.40 4.05
C GLU B 19 -17.94 -9.60 3.11
N GLN B 20 -17.90 -9.33 1.81
CA GLN B 20 -17.86 -10.40 0.84
C GLN B 20 -16.53 -11.14 0.92
N HIS B 21 -15.45 -10.39 1.12
CA HIS B 21 -14.14 -10.99 1.27
C HIS B 21 -14.16 -11.96 2.45
N HIS B 22 -14.71 -11.52 3.58
CA HIS B 22 -14.79 -12.42 4.77
C HIS B 22 -15.62 -13.68 4.49
N ARG B 23 -16.75 -13.53 3.81
CA ARG B 23 -17.66 -14.66 3.46
C ARG B 23 -16.96 -15.66 2.54
N LEU B 24 -16.22 -15.15 1.57
CA LEU B 24 -15.52 -16.02 0.65
C LEU B 24 -14.37 -16.72 1.35
N SER B 25 -13.64 -16.02 2.21
CA SER B 25 -12.49 -16.66 2.91
C SER B 25 -13.00 -17.83 3.74
N SER B 26 -14.13 -17.61 4.41
CA SER B 26 -14.71 -18.64 5.27
C SER B 26 -15.22 -19.83 4.45
N GLU B 27 -15.93 -19.55 3.36
CA GLU B 27 -16.34 -20.59 2.40
C GLU B 27 -15.16 -21.41 1.86
N ALA B 28 -14.07 -20.74 1.51
CA ALA B 28 -12.92 -21.37 0.86
C ALA B 28 -12.25 -22.47 1.69
N GLU B 29 -12.23 -22.29 3.01
CA GLU B 29 -11.71 -23.32 3.92
C GLU B 29 -12.40 -24.70 3.77
N SER B 30 -13.67 -24.69 3.33
CA SER B 30 -14.45 -25.93 3.21
CA SER B 30 -14.49 -25.90 3.20
C SER B 30 -14.53 -26.46 1.78
N LEU B 31 -13.88 -25.78 0.83
CA LEU B 31 -13.90 -26.23 -0.58
C LEU B 31 -12.79 -27.23 -0.87
N PRO B 32 -12.99 -28.06 -1.90
CA PRO B 32 -11.90 -28.86 -2.47
C PRO B 32 -10.83 -27.89 -2.91
N SER B 33 -9.57 -28.25 -2.74
CA SER B 33 -8.52 -27.30 -3.08
C SER B 33 -7.33 -27.96 -3.74
N VAL B 34 -6.55 -27.14 -4.43
CA VAL B 34 -5.33 -27.59 -5.04
C VAL B 34 -4.27 -26.50 -4.85
N ILE B 35 -3.02 -26.91 -4.62
CA ILE B 35 -1.89 -25.96 -4.61
C ILE B 35 -1.46 -25.75 -6.05
N VAL B 36 -1.50 -24.50 -6.50
CA VAL B 36 -1.15 -24.16 -7.89
C VAL B 36 0.34 -23.96 -8.07
N SER B 37 0.80 -23.85 -9.33
CA SER B 37 2.20 -23.51 -9.59
C SER B 37 2.50 -22.08 -9.21
N SER B 38 3.78 -21.76 -9.11
CA SER B 38 4.18 -20.37 -8.81
C SER B 38 3.74 -19.46 -9.96
N GLN B 39 3.83 -19.98 -11.20
CA GLN B 39 3.39 -19.21 -12.36
C GLN B 39 1.90 -18.89 -12.23
N ALA B 40 1.06 -19.88 -11.92
CA ALA B 40 -0.39 -19.64 -11.78
C ALA B 40 -0.69 -18.67 -10.63
N ALA B 41 0.02 -18.82 -9.51
CA ALA B 41 -0.17 -17.90 -8.39
C ALA B 41 0.13 -16.44 -8.80
N GLY B 42 1.26 -16.21 -9.48
CA GLY B 42 1.61 -14.92 -10.07
C GLY B 42 0.54 -14.35 -11.00
N ASN B 43 -0.01 -15.22 -11.87
CA ASN B 43 -1.11 -14.88 -12.80
C ASN B 43 -2.30 -14.39 -11.96
N ALA B 44 -2.63 -15.11 -10.89
CA ALA B 44 -3.80 -14.72 -10.06
C ALA B 44 -3.54 -13.39 -9.35
N VAL B 45 -2.32 -13.18 -8.87
CA VAL B 45 -2.00 -11.91 -8.21
C VAL B 45 -2.23 -10.75 -9.23
N MET B 46 -1.63 -10.86 -10.43
CA MET B 46 -1.77 -9.86 -11.49
C MET B 46 -3.24 -9.65 -11.84
N LEU B 47 -4.01 -10.74 -11.97
CA LEU B 47 -5.45 -10.60 -12.19
C LEU B 47 -6.14 -9.89 -11.03
N GLY B 48 -5.82 -10.29 -9.78
CA GLY B 48 -6.41 -9.61 -8.61
C GLY B 48 -6.15 -8.09 -8.57
N ALA B 49 -4.93 -7.73 -8.99
CA ALA B 49 -4.43 -6.37 -8.89
C ALA B 49 -4.82 -5.50 -10.10
N GLY B 50 -5.54 -6.05 -11.08
CA GLY B 50 -6.02 -5.17 -12.19
C GLY B 50 -5.02 -5.07 -13.32
N TYR B 51 -3.83 -5.65 -13.17
CA TYR B 51 -2.83 -5.52 -14.23
C TYR B 51 -3.23 -6.28 -15.52
N PHE B 52 -3.99 -7.36 -15.36
CA PHE B 52 -4.41 -8.18 -16.50
C PHE B 52 -5.86 -7.96 -16.88
N SER B 53 -6.36 -6.79 -16.52
CA SER B 53 -7.73 -6.42 -16.88
C SER B 53 -8.00 -6.30 -18.38
N PRO B 54 -8.99 -7.04 -18.88
CA PRO B 54 -10.33 -7.06 -18.28
C PRO B 54 -10.58 -8.60 -18.09
N LEU B 55 -9.52 -9.42 -18.09
CA LEU B 55 -9.69 -10.91 -18.05
C LEU B 55 -10.31 -11.39 -16.71
N ASP B 56 -11.15 -12.44 -16.78
CA ASP B 56 -11.85 -12.86 -15.55
C ASP B 56 -11.15 -13.95 -14.76
N GLY B 57 -10.16 -14.60 -15.36
CA GLY B 57 -9.53 -15.74 -14.72
C GLY B 57 -8.65 -16.50 -15.68
N PHE B 58 -8.53 -17.80 -15.45
CA PHE B 58 -7.65 -18.65 -16.26
C PHE B 58 -8.30 -19.06 -17.60
N MET B 59 -7.48 -19.12 -18.64
CA MET B 59 -7.95 -19.40 -20.01
C MET B 59 -8.22 -20.89 -20.24
N ASN B 60 -9.24 -21.19 -21.06
CA ASN B 60 -9.35 -22.51 -21.64
C ASN B 60 -8.33 -22.67 -22.77
N LEU B 61 -8.21 -23.88 -23.29
CA LEU B 61 -7.15 -24.21 -24.23
C LEU B 61 -7.26 -23.38 -25.53
N ALA B 62 -8.48 -23.23 -26.04
CA ALA B 62 -8.72 -22.49 -27.28
C ALA B 62 -8.20 -21.06 -27.15
N ASP B 63 -8.52 -20.40 -26.03
CA ASP B 63 -7.99 -19.03 -25.78
C ASP B 63 -6.48 -19.01 -25.61
N ALA B 64 -5.93 -19.97 -24.88
CA ALA B 64 -4.49 -20.02 -24.73
C ALA B 64 -3.75 -20.23 -26.07
N LEU B 65 -4.33 -21.06 -26.94
CA LEU B 65 -3.73 -21.29 -28.24
C LEU B 65 -3.83 -20.01 -29.09
N SER B 66 -4.97 -19.33 -29.02
CA SER B 66 -5.14 -18.08 -29.78
C SER B 66 -4.22 -17.00 -29.23
N SER B 67 -4.10 -16.91 -27.92
CA SER B 67 -3.19 -15.92 -27.31
C SER B 67 -1.75 -16.19 -27.68
N ALA B 68 -1.32 -17.46 -27.58
CA ALA B 68 0.05 -17.84 -27.96
C ALA B 68 0.43 -17.49 -29.41
N GLN B 69 -0.46 -17.83 -30.35
CA GLN B 69 -0.18 -17.65 -31.77
C GLN B 69 -0.50 -16.28 -32.33
N SER B 70 -1.50 -15.58 -31.78
CA SER B 70 -1.92 -14.34 -32.44
C SER B 70 -2.11 -13.18 -31.45
N MET B 71 -1.81 -13.40 -30.15
CA MET B 71 -1.98 -12.40 -29.10
C MET B 71 -3.44 -11.96 -28.94
N THR B 72 -4.37 -12.84 -29.26
CA THR B 72 -5.80 -12.55 -29.03
C THR B 72 -6.49 -13.75 -28.42
N LEU B 73 -7.56 -13.47 -27.71
CA LEU B 73 -8.45 -14.52 -27.24
C LEU B 73 -9.36 -14.92 -28.40
N THR B 74 -10.06 -16.04 -28.25
CA THR B 74 -10.95 -16.48 -29.34
C THR B 74 -12.07 -15.48 -29.69
N ASP B 75 -12.52 -14.69 -28.71
CA ASP B 75 -13.54 -13.65 -28.93
C ASP B 75 -13.00 -12.34 -29.53
N GLY B 76 -11.68 -12.28 -29.68
CA GLY B 76 -11.07 -11.13 -30.32
C GLY B 76 -10.39 -10.10 -29.42
N ARG B 77 -10.57 -10.19 -28.11
CA ARG B 77 -9.82 -9.30 -27.19
C ARG B 77 -8.31 -9.53 -27.29
N PHE B 78 -7.54 -8.44 -27.26
CA PHE B 78 -6.08 -8.50 -27.27
C PHE B 78 -5.61 -9.00 -25.90
N PHE B 79 -4.77 -10.02 -25.91
CA PHE B 79 -4.01 -10.40 -24.72
C PHE B 79 -2.79 -11.23 -25.12
N PRO B 80 -1.58 -10.81 -24.71
CA PRO B 80 -0.39 -11.30 -25.42
C PRO B 80 0.24 -12.60 -24.97
N VAL B 81 -0.16 -13.15 -23.83
CA VAL B 81 0.39 -14.47 -23.44
C VAL B 81 -0.71 -15.34 -22.83
N PRO B 82 -0.64 -16.65 -22.97
CA PRO B 82 -1.63 -17.53 -22.31
C PRO B 82 -1.60 -17.34 -20.77
N LEU B 83 -2.77 -17.36 -20.13
CA LEU B 83 -2.86 -17.39 -18.67
C LEU B 83 -3.46 -18.72 -18.29
N LEU B 84 -2.58 -19.65 -17.95
CA LEU B 84 -3.00 -21.02 -17.70
C LEU B 84 -2.83 -21.40 -16.23
N CYS B 85 -3.70 -22.29 -15.79
CA CYS B 85 -3.52 -22.91 -14.49
C CYS B 85 -3.38 -24.38 -14.80
N LEU B 86 -2.13 -24.82 -14.91
CA LEU B 86 -1.82 -26.20 -15.24
C LEU B 86 -1.51 -27.00 -13.97
N LEU B 87 -2.01 -28.23 -13.93
CA LEU B 87 -1.85 -29.13 -12.77
C LEU B 87 -1.36 -30.49 -13.21
N GLU B 88 -0.70 -31.20 -12.31
CA GLU B 88 -0.33 -32.59 -12.60
C GLU B 88 -1.55 -33.51 -12.83
N SER B 89 -2.63 -33.30 -12.09
CA SER B 89 -3.93 -33.94 -12.37
C SER B 89 -5.07 -33.19 -11.66
N ALA B 90 -6.31 -33.43 -12.07
CA ALA B 90 -7.46 -32.81 -11.41
C ALA B 90 -8.03 -33.69 -10.28
N ASP B 91 -7.22 -34.63 -9.80
CA ASP B 91 -7.69 -35.62 -8.82
C ASP B 91 -8.24 -34.98 -7.54
N ALA B 92 -7.52 -33.98 -7.03
CA ALA B 92 -7.88 -33.28 -5.78
C ALA B 92 -9.22 -32.56 -5.87
N ILE B 93 -9.68 -32.30 -7.10
CA ILE B 93 -10.85 -31.46 -7.31
C ILE B 93 -11.90 -32.11 -8.22
N ALA B 94 -11.76 -33.42 -8.42
CA ALA B 94 -12.59 -34.12 -9.39
C ALA B 94 -14.07 -33.85 -9.15
N GLY B 95 -14.74 -33.33 -10.18
CA GLY B 95 -16.20 -33.12 -10.15
C GLY B 95 -16.68 -31.78 -9.61
N ALA B 96 -15.83 -31.09 -8.84
CA ALA B 96 -16.24 -29.85 -8.17
C ALA B 96 -16.37 -28.70 -9.15
N THR B 97 -17.34 -27.83 -8.94
CA THR B 97 -17.52 -26.66 -9.80
C THR B 97 -16.84 -25.43 -9.19
N ARG B 98 -16.68 -25.43 -7.87
CA ARG B 98 -16.15 -24.30 -7.09
C ARG B 98 -15.06 -24.79 -6.18
N ILE B 99 -13.87 -24.20 -6.31
CA ILE B 99 -12.66 -24.72 -5.65
C ILE B 99 -11.80 -23.59 -5.08
N ALA B 100 -10.94 -23.94 -4.13
CA ALA B 100 -9.98 -22.99 -3.61
C ALA B 100 -8.61 -23.21 -4.26
N LEU B 101 -7.97 -22.12 -4.68
CA LEU B 101 -6.59 -22.19 -5.11
C LEU B 101 -5.63 -21.74 -4.00
N ARG B 102 -4.71 -22.63 -3.66
CA ARG B 102 -3.76 -22.41 -2.58
C ARG B 102 -2.37 -22.02 -3.08
N ASP B 103 -1.71 -21.19 -2.30
CA ASP B 103 -0.48 -20.50 -2.67
C ASP B 103 0.76 -21.37 -2.41
N PRO B 104 1.55 -21.67 -3.44
CA PRO B 104 2.72 -22.52 -3.21
C PRO B 104 3.86 -21.77 -2.49
N ASN B 105 3.77 -20.45 -2.44
CA ASN B 105 4.89 -19.60 -1.99
C ASN B 105 4.75 -19.02 -0.57
N VAL B 106 3.70 -19.43 0.13
CA VAL B 106 3.49 -18.95 1.50
C VAL B 106 3.35 -20.18 2.41
N GLU B 107 4.06 -20.15 3.53
CA GLU B 107 4.05 -21.32 4.44
C GLU B 107 2.64 -21.61 4.87
N GLY B 108 2.27 -22.89 4.80
CA GLY B 108 0.93 -23.28 5.13
C GLY B 108 0.03 -23.42 3.93
N ASN B 109 0.46 -22.88 2.78
CA ASN B 109 -0.33 -22.91 1.55
C ASN B 109 -1.76 -22.37 1.77
N PRO B 110 -1.85 -21.10 2.17
CA PRO B 110 -3.15 -20.48 2.41
C PRO B 110 -3.94 -20.31 1.08
N VAL B 111 -5.26 -20.13 1.17
CA VAL B 111 -6.05 -19.79 -0.02
C VAL B 111 -5.67 -18.42 -0.61
N LEU B 112 -5.37 -18.41 -1.90
CA LEU B 112 -5.09 -17.20 -2.65
C LEU B 112 -6.33 -16.72 -3.40
N ALA B 113 -7.11 -17.67 -3.95
CA ALA B 113 -8.27 -17.33 -4.79
C ALA B 113 -9.33 -18.42 -4.72
N VAL B 114 -10.56 -18.06 -5.06
CA VAL B 114 -11.63 -19.02 -5.26
C VAL B 114 -11.96 -19.03 -6.75
N MET B 115 -12.24 -20.21 -7.30
CA MET B 115 -12.37 -20.31 -8.74
C MET B 115 -13.64 -21.09 -9.06
N ASP B 116 -14.38 -20.62 -10.06
CA ASP B 116 -15.43 -21.45 -10.64
C ASP B 116 -14.90 -22.19 -11.86
N VAL B 117 -14.78 -23.51 -11.73
CA VAL B 117 -14.19 -24.33 -12.79
C VAL B 117 -15.23 -24.58 -13.90
N THR B 118 -15.01 -23.98 -15.05
CA THR B 118 -15.93 -24.17 -16.17
C THR B 118 -15.41 -25.15 -17.23
N ALA B 119 -14.11 -25.43 -17.23
CA ALA B 119 -13.58 -26.53 -18.04
C ALA B 119 -12.35 -27.13 -17.45
N VAL B 120 -12.14 -28.43 -17.72
CA VAL B 120 -10.93 -29.14 -17.36
C VAL B 120 -10.45 -29.83 -18.65
N GLU B 121 -9.24 -29.53 -19.10
CA GLU B 121 -8.79 -30.04 -20.40
C GLU B 121 -7.37 -30.60 -20.32
N GLN B 122 -7.11 -31.67 -21.06
CA GLN B 122 -5.78 -32.23 -21.17
C GLN B 122 -5.04 -31.53 -22.30
N VAL B 123 -3.85 -31.04 -22.03
CA VAL B 123 -3.02 -30.42 -23.08
C VAL B 123 -2.11 -31.46 -23.75
N SER B 124 -2.28 -31.63 -25.07
CA SER B 124 -1.46 -32.57 -25.85
C SER B 124 -0.02 -32.07 -25.99
N ASP B 125 0.89 -33.00 -26.35
CA ASP B 125 2.28 -32.67 -26.64
C ASP B 125 2.36 -31.63 -27.77
N ALA B 126 1.56 -31.84 -28.81
CA ALA B 126 1.56 -30.91 -29.96
C ALA B 126 1.08 -29.52 -29.52
N GLN B 127 0.01 -29.48 -28.71
CA GLN B 127 -0.50 -28.19 -28.22
C GLN B 127 0.51 -27.49 -27.32
N MET B 128 1.12 -28.25 -26.41
CA MET B 128 2.17 -27.69 -25.53
C MET B 128 3.38 -27.16 -26.32
N ALA B 129 3.78 -27.89 -27.36
CA ALA B 129 4.95 -27.48 -28.15
C ALA B 129 4.66 -26.20 -28.95
N LEU B 130 3.43 -26.11 -29.46
CA LEU B 130 3.01 -24.93 -30.24
C LEU B 130 2.99 -23.68 -29.34
N MET B 131 2.37 -23.79 -28.17
CA MET B 131 2.36 -22.69 -27.23
C MET B 131 3.76 -22.30 -26.79
N THR B 132 4.59 -23.31 -26.53
CA THR B 132 5.95 -23.06 -26.08
C THR B 132 6.76 -22.28 -27.13
N GLU B 133 6.78 -22.77 -28.35
CA GLU B 133 7.60 -22.16 -29.38
C GLU B 133 7.08 -20.75 -29.70
N GLN B 134 5.75 -20.57 -29.68
CA GLN B 134 5.17 -19.26 -29.99
C GLN B 134 5.43 -18.18 -28.93
N VAL B 135 5.28 -18.55 -27.65
CA VAL B 135 5.44 -17.57 -26.57
C VAL B 135 6.92 -17.21 -26.34
N TYR B 136 7.76 -18.23 -26.28
CA TYR B 136 9.18 -18.08 -25.95
C TYR B 136 10.11 -17.94 -27.15
N GLY B 137 9.60 -18.16 -28.36
CA GLY B 137 10.42 -18.00 -29.57
C GLY B 137 11.40 -19.15 -29.78
N THR B 138 11.26 -20.21 -28.99
CA THR B 138 12.18 -21.36 -29.02
C THR B 138 11.51 -22.54 -28.33
N SER B 139 12.01 -23.74 -28.59
CA SER B 139 11.58 -24.91 -27.83
C SER B 139 12.75 -25.51 -27.00
N ASP B 140 13.85 -24.78 -26.93
CA ASP B 140 15.02 -25.26 -26.21
C ASP B 140 14.68 -25.47 -24.72
N PRO B 141 14.86 -26.68 -24.18
CA PRO B 141 14.56 -26.91 -22.74
C PRO B 141 15.52 -26.14 -21.82
N LYS B 142 16.63 -25.66 -22.38
CA LYS B 142 17.60 -24.87 -21.63
C LYS B 142 17.17 -23.41 -21.40
N HIS B 143 16.14 -22.94 -22.11
CA HIS B 143 15.57 -21.62 -21.84
C HIS B 143 14.81 -21.74 -20.51
N PRO B 144 15.08 -20.89 -19.51
CA PRO B 144 14.47 -21.11 -18.17
C PRO B 144 12.96 -20.90 -18.12
N GLY B 145 12.43 -20.01 -18.97
CA GLY B 145 10.99 -19.82 -19.14
C GLY B 145 10.33 -21.04 -19.76
N VAL B 146 10.98 -21.59 -20.78
CA VAL B 146 10.49 -22.82 -21.41
C VAL B 146 10.40 -23.94 -20.37
N GLU B 147 11.46 -24.08 -19.58
CA GLU B 147 11.49 -25.14 -18.57
C GLU B 147 10.38 -24.96 -17.54
N THR B 148 10.19 -23.74 -17.05
CA THR B 148 9.13 -23.47 -16.07
C THR B 148 7.75 -23.79 -16.66
N PHE B 149 7.52 -23.35 -17.90
CA PHE B 149 6.22 -23.57 -18.54
C PHE B 149 5.89 -25.06 -18.66
N ASN B 150 6.89 -25.89 -18.96
CA ASN B 150 6.71 -27.31 -19.25
C ASN B 150 6.87 -28.22 -18.03
N SER B 151 7.00 -27.61 -16.84
CA SER B 151 7.22 -28.36 -15.58
C SER B 151 6.03 -28.31 -14.64
N GLN B 152 4.86 -27.96 -15.16
CA GLN B 152 3.66 -27.71 -14.35
C GLN B 152 2.56 -28.75 -14.51
N GLY B 153 2.78 -29.74 -15.37
CA GLY B 153 1.75 -30.74 -15.70
C GLY B 153 0.93 -30.35 -16.93
N ARG B 154 -0.06 -31.18 -17.26
CA ARG B 154 -0.84 -31.02 -18.51
C ARG B 154 -2.34 -30.90 -18.35
N THR B 155 -2.84 -30.74 -17.12
CA THR B 155 -4.27 -30.54 -16.90
C THR B 155 -4.58 -29.07 -16.69
N ALA B 156 -5.29 -28.43 -17.64
CA ALA B 156 -5.59 -27.02 -17.55
C ALA B 156 -6.98 -26.89 -16.98
N ILE B 157 -7.08 -26.14 -15.90
CA ILE B 157 -8.38 -25.81 -15.36
C ILE B 157 -8.65 -24.35 -15.68
N SER B 158 -9.88 -24.07 -16.12
CA SER B 158 -10.21 -22.72 -16.57
C SER B 158 -11.52 -22.24 -16.00
N GLY B 159 -11.67 -20.92 -15.89
CA GLY B 159 -12.85 -20.31 -15.31
C GLY B 159 -12.52 -19.02 -14.56
N PRO B 160 -13.55 -18.27 -14.19
CA PRO B 160 -13.35 -16.99 -13.49
C PRO B 160 -12.82 -17.19 -12.08
N ILE B 161 -12.00 -16.26 -11.61
CA ILE B 161 -11.52 -16.30 -10.23
C ILE B 161 -11.89 -15.07 -9.37
N GLN B 162 -11.89 -15.25 -8.04
CA GLN B 162 -12.00 -14.14 -7.10
C GLN B 162 -10.78 -14.19 -6.17
N VAL B 163 -10.01 -13.10 -6.13
CA VAL B 163 -8.72 -13.11 -5.47
C VAL B 163 -8.84 -12.55 -4.05
N LEU B 164 -8.29 -13.27 -3.07
CA LEU B 164 -8.41 -12.91 -1.65
C LEU B 164 -7.22 -12.14 -1.06
N ASN B 165 -6.06 -12.15 -1.72
CA ASN B 165 -4.87 -11.49 -1.20
C ASN B 165 -3.83 -11.46 -2.31
N PHE B 166 -2.73 -10.80 -2.04
CA PHE B 166 -1.68 -10.60 -3.06
C PHE B 166 -0.41 -11.36 -2.67
N SER B 167 -0.63 -12.47 -1.97
CA SER B 167 0.49 -13.39 -1.68
C SER B 167 1.60 -12.67 -0.89
N TYR B 168 2.83 -13.15 -1.02
CA TYR B 168 3.93 -12.54 -0.26
C TYR B 168 4.36 -11.19 -0.81
N PHE B 169 3.88 -10.83 -2.00
CA PHE B 169 4.31 -9.55 -2.61
C PHE B 169 3.85 -8.39 -1.72
N GLN B 170 2.62 -8.43 -1.21
CA GLN B 170 2.24 -7.29 -0.39
C GLN B 170 2.80 -7.43 1.04
N THR B 171 2.76 -8.66 1.59
CA THR B 171 3.23 -8.93 2.94
C THR B 171 4.69 -8.53 3.19
N ASP B 172 5.54 -8.87 2.22
CA ASP B 172 6.97 -8.63 2.35
C ASP B 172 7.40 -7.23 1.95
N PHE B 173 6.60 -6.59 1.09
CA PHE B 173 6.95 -5.27 0.54
C PHE B 173 5.76 -4.28 0.67
N PRO B 174 5.34 -4.04 1.92
CA PRO B 174 4.07 -3.28 2.17
C PRO B 174 4.07 -1.82 1.71
N ASP B 175 5.23 -1.18 1.63
CA ASP B 175 5.25 0.21 1.19
C ASP B 175 5.45 0.38 -0.30
N THR B 176 5.80 -0.70 -1.00
CA THR B 176 6.09 -0.55 -2.43
CA THR B 176 6.20 -0.68 -2.41
C THR B 176 5.15 -1.32 -3.34
N PHE B 177 4.65 -2.49 -2.95
CA PHE B 177 3.71 -3.23 -3.79
C PHE B 177 2.49 -2.37 -4.05
N ARG B 178 2.06 -2.29 -5.30
CA ARG B 178 0.87 -1.47 -5.59
C ARG B 178 0.05 -2.20 -6.62
N THR B 179 -1.27 -2.05 -6.53
CA THR B 179 -2.14 -2.57 -7.62
C THR B 179 -2.16 -1.59 -8.80
N ALA B 180 -2.62 -2.05 -9.96
CA ALA B 180 -2.81 -1.15 -11.15
C ALA B 180 -3.84 -0.12 -10.77
N VAL B 181 -4.86 -0.55 -10.03
CA VAL B 181 -5.92 0.35 -9.54
C VAL B 181 -5.36 1.54 -8.74
N GLU B 182 -4.48 1.24 -7.78
CA GLU B 182 -3.94 2.30 -6.94
C GLU B 182 -2.97 3.19 -7.68
N ILE B 183 -2.19 2.62 -8.57
CA ILE B 183 -1.26 3.43 -9.37
C ILE B 183 -2.08 4.43 -10.23
N ARG B 184 -3.15 3.94 -10.86
CA ARG B 184 -4.02 4.84 -11.66
C ARG B 184 -4.62 5.94 -10.77
N HIS B 185 -5.09 5.60 -9.56
CA HIS B 185 -5.61 6.65 -8.63
C HIS B 185 -4.56 7.72 -8.23
N GLU B 186 -3.32 7.28 -7.98
CA GLU B 186 -2.25 8.17 -7.54
CA GLU B 186 -2.25 8.15 -7.53
C GLU B 186 -1.82 9.08 -8.69
N ILE B 187 -1.76 8.52 -9.91
CA ILE B 187 -1.48 9.33 -11.11
C ILE B 187 -2.52 10.47 -11.20
N GLN B 188 -3.77 10.14 -10.94
CA GLN B 188 -4.86 11.14 -10.92
C GLN B 188 -4.69 12.19 -9.83
N GLU B 189 -4.46 11.75 -8.58
CA GLU B 189 -4.15 12.66 -7.44
C GLU B 189 -3.03 13.67 -7.76
N ARG B 190 -2.03 13.20 -8.46
CA ARG B 190 -0.84 14.00 -8.71
C ARG B 190 -1.02 14.93 -9.94
N GLY B 191 -2.06 14.68 -10.73
CA GLY B 191 -2.42 15.57 -11.86
C GLY B 191 -1.61 15.36 -13.14
N TRP B 192 -0.89 14.24 -13.22
CA TRP B 192 -0.04 13.95 -14.37
C TRP B 192 -0.88 13.59 -15.58
N GLN B 193 -0.52 14.14 -16.75
CA GLN B 193 -1.22 13.80 -18.03
C GLN B 193 -0.42 12.87 -18.97
N LYS B 194 0.90 12.97 -18.91
CA LYS B 194 1.78 12.05 -19.62
C LYS B 194 2.75 11.46 -18.62
N ILE B 195 2.87 10.13 -18.65
CA ILE B 195 3.54 9.39 -17.60
C ILE B 195 4.41 8.32 -18.25
N VAL B 196 5.71 8.34 -17.95
CA VAL B 196 6.66 7.31 -18.43
C VAL B 196 6.77 6.18 -17.41
N ALA B 197 6.76 4.91 -17.84
CA ALA B 197 7.03 3.79 -16.90
C ALA B 197 8.42 3.23 -17.17
N PHE B 198 9.15 2.92 -16.08
CA PHE B 198 10.52 2.35 -16.21
C PHE B 198 10.59 1.18 -15.25
N GLN B 199 10.96 0.00 -15.74
CA GLN B 199 11.17 -1.14 -14.82
C GLN B 199 12.63 -1.28 -14.41
N THR B 200 12.86 -1.50 -13.10
CA THR B 200 14.18 -1.98 -12.65
C THR B 200 13.99 -2.89 -11.43
N ARG B 201 15.02 -3.64 -11.08
CA ARG B 201 15.07 -4.38 -9.81
C ARG B 201 16.19 -3.85 -8.90
N ASN B 202 17.10 -3.06 -9.47
CA ASN B 202 18.29 -2.62 -8.76
C ASN B 202 18.29 -1.14 -8.44
N PRO B 203 19.16 -0.70 -7.52
CA PRO B 203 19.40 0.74 -7.36
C PRO B 203 19.65 1.42 -8.72
N MET B 204 19.19 2.66 -8.83
CA MET B 204 19.39 3.43 -10.05
C MET B 204 20.59 4.38 -9.92
N HIS B 205 21.62 4.14 -10.73
CA HIS B 205 22.76 5.03 -10.71
C HIS B 205 22.58 6.14 -11.75
N ARG B 206 23.62 6.92 -12.03
CA ARG B 206 23.39 8.12 -12.86
C ARG B 206 22.88 7.76 -14.26
N ALA B 207 23.32 6.61 -14.78
CA ALA B 207 22.99 6.21 -16.15
C ALA B 207 21.49 5.90 -16.29
N HIS B 208 20.91 5.20 -15.31
CA HIS B 208 19.48 4.95 -15.36
C HIS B 208 18.67 6.16 -14.99
N GLU B 209 19.17 6.98 -14.07
CA GLU B 209 18.51 8.22 -13.71
C GLU B 209 18.34 9.11 -14.94
N GLU B 210 19.44 9.29 -15.66
CA GLU B 210 19.41 10.15 -16.85
C GLU B 210 18.65 9.51 -18.01
N LEU B 211 18.63 8.18 -18.10
CA LEU B 211 17.76 7.50 -19.08
C LEU B 211 16.31 7.92 -18.86
N CYS B 212 15.87 7.89 -17.60
CA CYS B 212 14.49 8.29 -17.32
C CYS B 212 14.25 9.76 -17.66
N LYS B 213 15.18 10.63 -17.29
CA LYS B 213 15.04 12.05 -17.66
C LYS B 213 15.02 12.27 -19.18
N MET B 214 15.84 11.53 -19.96
CA MET B 214 15.78 11.59 -21.46
C MET B 214 14.42 11.26 -22.01
N ALA B 215 13.86 10.17 -21.51
CA ALA B 215 12.55 9.70 -21.90
C ALA B 215 11.51 10.75 -21.55
N MET B 216 11.55 11.27 -20.33
CA MET B 216 10.59 12.32 -19.91
C MET B 216 10.71 13.58 -20.79
N GLU B 217 11.93 14.04 -21.06
CA GLU B 217 12.10 15.20 -21.93
C GLU B 217 11.57 14.94 -23.35
N ALA B 218 11.81 13.75 -23.89
CA ALA B 218 11.44 13.44 -25.29
C ALA B 218 9.94 13.45 -25.48
N VAL B 219 9.23 12.95 -24.47
CA VAL B 219 7.77 12.82 -24.58
C VAL B 219 6.99 13.90 -23.83
N GLU B 220 7.70 14.86 -23.23
CA GLU B 220 7.09 15.93 -22.42
C GLU B 220 6.27 15.38 -21.24
N ALA B 221 6.86 14.42 -20.55
CA ALA B 221 6.17 13.73 -19.45
C ALA B 221 6.08 14.64 -18.23
N ASP B 222 5.00 14.47 -17.49
CA ASP B 222 4.82 15.11 -16.20
C ASP B 222 5.44 14.29 -15.09
N GLY B 223 5.57 12.99 -15.32
CA GLY B 223 6.13 12.11 -14.26
C GLY B 223 6.59 10.78 -14.76
N VAL B 224 7.35 10.07 -13.91
CA VAL B 224 7.81 8.72 -14.21
C VAL B 224 7.36 7.81 -13.06
N VAL B 225 6.82 6.63 -13.39
CA VAL B 225 6.56 5.55 -12.45
C VAL B 225 7.73 4.57 -12.55
N ILE B 226 8.48 4.42 -11.47
CA ILE B 226 9.53 3.40 -11.39
C ILE B 226 8.76 2.19 -10.87
N HIS B 227 8.70 1.15 -11.69
CA HIS B 227 7.79 0.04 -11.44
C HIS B 227 8.66 -1.21 -11.27
N MET B 228 8.99 -1.50 -10.02
CA MET B 228 9.98 -2.55 -9.69
C MET B 228 9.34 -3.93 -9.67
N LEU B 229 10.05 -4.93 -10.20
CA LEU B 229 9.59 -6.30 -10.11
C LEU B 229 10.00 -6.82 -8.74
N LEU B 230 9.01 -7.18 -7.92
CA LEU B 230 9.28 -7.68 -6.57
C LEU B 230 9.36 -9.18 -6.66
N GLY B 231 10.16 -9.79 -5.78
N GLY B 231 10.24 -9.79 -5.87
CA GLY B 231 10.17 -11.25 -5.76
CA GLY B 231 10.46 -11.21 -6.02
C GLY B 231 10.96 -11.87 -4.63
C GLY B 231 11.58 -11.77 -5.19
N GLN B 232 11.46 -13.07 -4.91
CA GLN B 232 12.33 -13.80 -3.99
C GLN B 232 13.81 -13.40 -4.09
N LEU B 233 14.46 -13.37 -2.94
CA LEU B 233 15.85 -12.92 -2.83
C LEU B 233 16.78 -14.03 -3.33
N LYS B 234 18.00 -13.63 -3.72
CA LYS B 234 19.05 -14.59 -4.03
C LYS B 234 20.32 -14.21 -3.25
N PRO B 235 21.21 -15.17 -3.01
CA PRO B 235 22.39 -14.85 -2.20
C PRO B 235 23.15 -13.68 -2.81
N GLY B 236 23.52 -12.71 -1.97
CA GLY B 236 24.34 -11.58 -2.40
C GLY B 236 23.53 -10.34 -2.75
N ASP B 237 22.24 -10.52 -2.99
CA ASP B 237 21.33 -9.40 -3.28
C ASP B 237 21.39 -8.31 -2.23
N ILE B 238 21.24 -7.08 -2.69
CA ILE B 238 21.03 -5.95 -1.79
C ILE B 238 19.58 -6.11 -1.24
N PRO B 239 19.35 -6.05 0.08
CA PRO B 239 17.96 -6.20 0.58
C PRO B 239 17.01 -5.22 -0.09
N ALA B 240 15.77 -5.64 -0.33
CA ALA B 240 14.77 -4.73 -0.87
C ALA B 240 14.65 -3.35 -0.20
N PRO B 241 14.67 -3.21 1.15
CA PRO B 241 14.49 -1.87 1.72
C PRO B 241 15.67 -0.93 1.43
N VAL B 242 16.87 -1.48 1.27
CA VAL B 242 18.05 -0.68 0.91
C VAL B 242 17.95 -0.19 -0.54
N ARG B 243 17.57 -1.10 -1.44
CA ARG B 243 17.29 -0.78 -2.85
C ARG B 243 16.22 0.33 -2.92
N ASP B 244 15.15 0.18 -2.15
CA ASP B 244 14.09 1.21 -2.22
C ASP B 244 14.61 2.55 -1.70
N ALA B 245 15.43 2.53 -0.64
CA ALA B 245 15.95 3.76 -0.03
C ALA B 245 16.86 4.47 -1.05
N ALA B 246 17.66 3.69 -1.77
CA ALA B 246 18.51 4.27 -2.82
C ALA B 246 17.69 4.94 -3.92
N ILE B 247 16.60 4.28 -4.35
CA ILE B 247 15.77 4.85 -5.42
C ILE B 247 15.01 6.09 -4.90
N ARG B 248 14.49 6.01 -3.67
CA ARG B 248 13.79 7.19 -3.08
C ARG B 248 14.71 8.40 -2.86
N THR B 249 15.99 8.17 -2.53
CA THR B 249 16.93 9.25 -2.31
C THR B 249 17.18 9.98 -3.65
N MET B 250 17.35 9.20 -4.72
CA MET B 250 17.52 9.75 -6.06
C MET B 250 16.28 10.62 -6.40
N ALA B 251 15.10 10.05 -6.15
CA ALA B 251 13.81 10.68 -6.49
C ALA B 251 13.70 12.01 -5.74
N GLU B 252 14.06 12.01 -4.44
CA GLU B 252 13.89 13.20 -3.59
C GLU B 252 14.89 14.33 -3.86
N LEU B 253 16.11 13.99 -4.24
CA LEU B 253 17.16 14.97 -4.40
C LEU B 253 17.48 15.37 -5.82
N TYR B 254 17.18 14.49 -6.79
CA TYR B 254 17.63 14.74 -8.16
C TYR B 254 16.53 14.89 -9.21
N PHE B 255 15.28 14.75 -8.78
CA PHE B 255 14.13 15.02 -9.64
C PHE B 255 13.33 16.19 -9.09
N PRO B 256 12.67 16.96 -9.96
CA PRO B 256 11.83 18.03 -9.45
C PRO B 256 10.67 17.52 -8.58
N PRO B 257 10.08 18.42 -7.81
CA PRO B 257 8.90 18.08 -7.00
C PRO B 257 7.77 17.44 -7.81
N ASN B 258 7.15 16.41 -7.26
CA ASN B 258 6.01 15.75 -7.90
C ASN B 258 6.29 15.20 -9.32
N THR B 259 7.41 14.50 -9.46
CA THR B 259 7.74 13.86 -10.74
C THR B 259 8.03 12.38 -10.72
N VAL B 260 8.12 11.75 -9.53
CA VAL B 260 8.47 10.34 -9.48
C VAL B 260 7.55 9.58 -8.53
N MET B 261 7.09 8.40 -8.97
CA MET B 261 6.35 7.46 -8.11
C MET B 261 7.19 6.19 -8.02
N VAL B 262 7.47 5.71 -6.80
CA VAL B 262 8.27 4.48 -6.65
C VAL B 262 7.35 3.34 -6.19
N THR B 263 7.26 2.31 -7.02
CA THR B 263 6.18 1.31 -6.85
C THR B 263 6.73 -0.05 -7.23
N GLY B 264 5.94 -1.11 -6.99
CA GLY B 264 6.36 -2.44 -7.40
C GLY B 264 5.16 -3.31 -7.72
N TYR B 265 5.42 -4.45 -8.38
CA TYR B 265 4.34 -5.41 -8.67
C TYR B 265 4.92 -6.80 -8.51
N GLY B 266 4.03 -7.79 -8.45
CA GLY B 266 4.46 -9.17 -8.26
C GLY B 266 4.02 -10.12 -9.38
N PHE B 267 5.01 -10.80 -9.97
CA PHE B 267 4.76 -11.69 -11.11
C PHE B 267 6.06 -12.46 -11.31
N ASP B 268 5.99 -13.69 -11.83
CA ASP B 268 7.22 -14.42 -12.13
C ASP B 268 7.65 -14.09 -13.55
N MET B 269 8.88 -13.62 -13.71
CA MET B 269 9.43 -13.30 -15.03
C MET B 269 9.37 -14.49 -16.01
N LEU B 270 8.98 -14.23 -17.26
CA LEU B 270 8.90 -15.30 -18.30
C LEU B 270 10.21 -15.50 -19.06
N TYR B 271 11.07 -14.48 -19.06
CA TYR B 271 12.29 -14.49 -19.91
C TYR B 271 11.97 -14.68 -21.40
N ALA B 272 10.81 -14.13 -21.82
CA ALA B 272 10.28 -14.32 -23.20
C ALA B 272 10.61 -13.16 -24.12
N GLY B 273 11.46 -12.25 -23.67
CA GLY B 273 12.05 -11.23 -24.59
C GLY B 273 10.94 -10.43 -25.24
N PRO B 274 10.94 -10.31 -26.58
CA PRO B 274 9.91 -9.49 -27.27
C PRO B 274 8.45 -9.78 -26.85
N ARG B 275 8.08 -11.06 -26.65
CA ARG B 275 6.70 -11.35 -26.26
C ARG B 275 6.36 -10.79 -24.87
N GLU B 276 7.34 -10.88 -23.96
CA GLU B 276 7.18 -10.35 -22.61
C GLU B 276 7.17 -8.81 -22.62
N ALA B 277 7.89 -8.19 -23.58
CA ALA B 277 7.80 -6.74 -23.73
C ALA B 277 6.37 -6.29 -24.06
N VAL B 278 5.67 -7.05 -24.90
CA VAL B 278 4.30 -6.72 -25.25
C VAL B 278 3.40 -6.85 -23.98
N LEU B 279 3.60 -7.90 -23.19
CA LEU B 279 2.88 -8.02 -21.92
C LEU B 279 3.17 -6.84 -20.95
N HIS B 280 4.44 -6.43 -20.85
CA HIS B 280 4.77 -5.27 -19.98
C HIS B 280 4.02 -4.03 -20.46
N ALA B 281 3.98 -3.82 -21.78
CA ALA B 281 3.27 -2.64 -22.29
C ALA B 281 1.79 -2.71 -21.93
N TYR B 282 1.21 -3.90 -22.07
CA TYR B 282 -0.19 -4.10 -21.78
C TYR B 282 -0.53 -3.69 -20.33
N PHE B 283 0.21 -4.23 -19.37
CA PHE B 283 -0.15 -3.95 -17.97
C PHE B 283 0.23 -2.54 -17.51
N ARG B 284 1.21 -1.95 -18.19
CA ARG B 284 1.56 -0.56 -17.90
C ARG B 284 0.54 0.44 -18.46
N GLN B 285 -0.13 0.08 -19.53
CA GLN B 285 -1.26 0.87 -19.97
C GLN B 285 -2.39 0.77 -18.91
N ASN B 286 -2.60 -0.43 -18.40
CA ASN B 286 -3.67 -0.63 -17.42
C ASN B 286 -3.45 0.18 -16.13
N MET B 287 -2.18 0.30 -15.71
CA MET B 287 -1.85 1.11 -14.53
C MET B 287 -1.87 2.63 -14.78
N GLY B 288 -1.99 3.04 -16.07
CA GLY B 288 -2.22 4.46 -16.42
C GLY B 288 -1.00 5.13 -17.05
N ALA B 289 0.06 4.39 -17.37
CA ALA B 289 1.23 5.01 -18.05
C ALA B 289 0.90 5.27 -19.54
N THR B 290 1.42 6.38 -20.08
CA THR B 290 1.21 6.73 -21.50
C THR B 290 2.41 6.32 -22.36
N HIS B 291 3.56 6.04 -21.72
CA HIS B 291 4.78 5.70 -22.43
C HIS B 291 5.53 4.70 -21.60
N PHE B 292 6.26 3.81 -22.26
CA PHE B 292 6.99 2.74 -21.57
C PHE B 292 8.37 2.66 -22.18
N ILE B 293 9.39 2.61 -21.32
CA ILE B 293 10.80 2.52 -21.80
C ILE B 293 11.20 1.07 -22.10
N ILE B 294 11.72 0.82 -23.33
CA ILE B 294 12.27 -0.48 -23.68
C ILE B 294 13.67 -0.28 -24.24
N GLY B 295 14.67 -0.83 -23.56
CA GLY B 295 16.06 -0.65 -24.02
C GLY B 295 16.54 -1.84 -24.82
N ARG B 296 17.78 -2.27 -24.57
CA ARG B 296 18.42 -3.36 -25.30
C ARG B 296 18.19 -4.67 -24.55
N ASP B 297 17.80 -5.70 -25.31
CA ASP B 297 17.60 -7.06 -24.75
C ASP B 297 16.58 -7.11 -23.64
N HIS B 298 15.54 -6.30 -23.77
CA HIS B 298 14.47 -6.24 -22.78
C HIS B 298 13.84 -7.63 -22.52
N ALA B 299 13.78 -8.01 -21.25
CA ALA B 299 13.20 -9.32 -20.83
C ALA B 299 13.93 -10.52 -21.43
N GLY B 300 15.19 -10.32 -21.83
CA GLY B 300 15.92 -11.33 -22.58
C GLY B 300 16.61 -12.36 -21.71
N VAL B 301 17.07 -13.41 -22.38
CA VAL B 301 17.87 -14.44 -21.76
C VAL B 301 18.53 -15.16 -22.93
N GLY B 302 19.67 -15.78 -22.69
CA GLY B 302 20.37 -16.53 -23.74
C GLY B 302 20.60 -15.66 -24.97
N ASP B 303 20.55 -16.29 -26.14
CA ASP B 303 20.81 -15.63 -27.42
C ASP B 303 19.66 -15.88 -28.40
N TYR B 304 18.45 -15.94 -27.84
CA TYR B 304 17.26 -16.28 -28.61
C TYR B 304 16.66 -15.11 -29.37
N TYR B 305 16.92 -13.89 -28.90
CA TYR B 305 16.29 -12.70 -29.48
C TYR B 305 17.35 -11.70 -29.98
N GLY B 306 17.00 -10.91 -31.01
CA GLY B 306 17.87 -9.78 -31.41
C GLY B 306 17.84 -8.70 -30.35
N PRO B 307 18.93 -7.91 -30.24
CA PRO B 307 19.02 -6.89 -29.16
C PRO B 307 17.89 -5.85 -29.15
N PHE B 308 17.28 -5.59 -30.30
CA PHE B 308 16.16 -4.64 -30.34
C PHE B 308 14.86 -5.27 -30.83
N ASP B 309 14.82 -6.62 -30.86
CA ASP B 309 13.59 -7.34 -31.24
C ASP B 309 12.40 -7.00 -30.36
N ALA B 310 12.68 -6.69 -29.10
CA ALA B 310 11.62 -6.31 -28.15
C ALA B 310 11.03 -4.92 -28.42
N GLN B 311 11.74 -4.09 -29.18
CA GLN B 311 11.16 -2.86 -29.73
C GLN B 311 10.41 -3.11 -31.04
N THR B 312 11.04 -3.86 -31.98
CA THR B 312 10.49 -4.02 -33.33
C THR B 312 9.24 -4.92 -33.38
N ILE B 313 9.04 -5.77 -32.36
CA ILE B 313 7.79 -6.52 -32.28
C ILE B 313 6.54 -5.63 -32.37
N PHE B 314 6.61 -4.42 -31.82
CA PHE B 314 5.49 -3.51 -31.87
C PHE B 314 5.21 -3.02 -33.30
N ASP B 315 6.26 -2.97 -34.13
CA ASP B 315 6.10 -2.59 -35.54
C ASP B 315 5.44 -3.66 -36.37
N ASP B 316 5.93 -4.90 -36.27
CA ASP B 316 5.50 -5.89 -37.24
C ASP B 316 4.68 -7.07 -36.73
N ALA B 317 4.44 -7.15 -35.42
CA ALA B 317 3.58 -8.21 -34.91
C ALA B 317 2.37 -7.73 -34.10
N VAL B 318 2.48 -6.56 -33.45
CA VAL B 318 1.34 -6.05 -32.67
C VAL B 318 0.42 -5.21 -33.55
N PRO B 319 -0.82 -5.68 -33.69
CA PRO B 319 -1.82 -4.91 -34.44
C PRO B 319 -1.84 -3.45 -33.99
N THR B 320 -1.93 -2.53 -34.94
CA THR B 320 -2.18 -1.13 -34.61
C THR B 320 -3.54 -1.07 -33.91
N ASP B 321 -3.77 -0.01 -33.16
CA ASP B 321 -5.06 0.21 -32.49
C ASP B 321 -5.29 -0.66 -31.24
N VAL B 322 -4.54 -1.75 -31.02
CA VAL B 322 -4.85 -2.52 -29.79
C VAL B 322 -4.30 -1.87 -28.52
N LEU B 323 -3.12 -1.26 -28.63
CA LEU B 323 -2.53 -0.53 -27.49
C LEU B 323 -2.57 0.96 -27.76
N ALA B 324 -2.88 1.75 -26.73
CA ALA B 324 -2.72 3.20 -26.75
C ALA B 324 -1.35 3.69 -26.23
N ILE B 325 -0.72 2.87 -25.38
CA ILE B 325 0.57 3.19 -24.77
C ILE B 325 1.67 3.19 -25.85
N GLU B 326 2.60 4.16 -25.75
CA GLU B 326 3.70 4.32 -26.73
C GLU B 326 5.03 3.85 -26.16
N ILE B 327 5.91 3.38 -27.04
CA ILE B 327 7.19 2.86 -26.59
C ILE B 327 8.19 3.98 -26.77
N PHE B 328 9.00 4.21 -25.73
CA PHE B 328 10.23 4.98 -25.84
C PHE B 328 11.37 3.99 -26.08
N ARG B 329 11.97 4.07 -27.27
CA ARG B 329 12.97 3.10 -27.70
C ARG B 329 14.33 3.54 -27.20
N ALA B 330 14.83 2.79 -26.25
CA ALA B 330 16.03 3.16 -25.54
C ALA B 330 17.18 2.26 -25.97
N ASP B 331 18.26 2.33 -25.20
CA ASP B 331 19.43 1.51 -25.41
C ASP B 331 20.21 1.63 -24.12
N ASN B 332 21.28 0.86 -23.99
CA ASN B 332 22.23 0.99 -22.90
C ASN B 332 22.73 2.44 -22.85
N THR B 333 23.00 2.96 -21.65
CA THR B 333 23.45 4.35 -21.51
C THR B 333 24.76 4.38 -20.73
N ALA B 334 25.59 5.40 -20.96
CA ALA B 334 26.82 5.57 -20.20
C ALA B 334 27.22 7.02 -20.26
N TYR B 335 28.02 7.44 -19.28
CA TYR B 335 28.53 8.79 -19.24
C TYR B 335 29.69 8.95 -20.22
N SER B 336 29.52 9.90 -21.16
CA SER B 336 30.57 10.20 -22.12
C SER B 336 31.45 11.33 -21.62
N LYS B 337 32.77 11.05 -21.52
CA LYS B 337 33.71 12.10 -21.15
C LYS B 337 33.86 13.11 -22.28
N LYS B 338 33.66 12.65 -23.51
CA LYS B 338 33.83 13.50 -24.71
C LYS B 338 32.70 14.54 -24.70
N LEU B 339 31.50 14.13 -24.31
CA LEU B 339 30.32 14.98 -24.34
C LEU B 339 29.96 15.61 -23.01
N GLY B 340 30.46 15.04 -21.91
CA GLY B 340 30.04 15.52 -20.59
C GLY B 340 28.61 15.26 -20.20
N ARG B 341 28.04 14.12 -20.62
CA ARG B 341 26.71 13.74 -20.22
C ARG B 341 26.48 12.26 -20.50
N VAL B 342 25.45 11.72 -19.87
CA VAL B 342 24.99 10.38 -20.18
C VAL B 342 24.33 10.41 -21.57
N VAL B 343 24.68 9.40 -22.36
CA VAL B 343 24.11 9.22 -23.71
C VAL B 343 23.70 7.78 -23.91
N MET B 344 22.71 7.57 -24.78
CA MET B 344 22.47 6.20 -25.24
C MET B 344 23.58 5.88 -26.22
N MET B 345 24.02 4.63 -26.22
CA MET B 345 25.12 4.22 -27.09
C MET B 345 24.94 4.61 -28.58
N ARG B 346 23.71 4.51 -29.08
CA ARG B 346 23.42 4.71 -30.50
C ARG B 346 23.55 6.15 -30.96
N ASP B 347 23.67 7.07 -30.02
CA ASP B 347 23.92 8.45 -30.33
C ASP B 347 25.43 8.72 -30.18
N ALA B 348 26.17 7.63 -29.95
CA ALA B 348 27.64 7.67 -29.75
C ALA B 348 28.48 6.55 -30.44
N PRO B 349 28.12 6.08 -31.65
CA PRO B 349 28.91 5.01 -32.28
C PRO B 349 30.36 5.40 -32.59
N ASP B 350 30.65 6.71 -32.63
CA ASP B 350 31.99 7.24 -32.88
C ASP B 350 32.98 7.10 -31.71
N HIS B 351 32.44 6.93 -30.50
CA HIS B 351 33.21 6.86 -29.26
C HIS B 351 33.98 5.55 -29.20
N THR B 352 35.14 5.56 -28.56
CA THR B 352 35.82 4.31 -28.23
C THR B 352 35.48 4.03 -26.76
N PRO B 353 35.75 2.82 -26.27
CA PRO B 353 35.37 2.49 -24.88
C PRO B 353 35.98 3.47 -23.86
N ASP B 354 37.17 3.97 -24.15
CA ASP B 354 37.88 4.93 -23.30
C ASP B 354 37.30 6.33 -23.26
N ASP B 355 36.30 6.60 -24.11
CA ASP B 355 35.59 7.88 -24.07
C ASP B 355 34.48 7.85 -23.04
N PHE B 356 34.23 6.70 -22.39
CA PHE B 356 33.17 6.66 -21.39
C PHE B 356 33.73 6.39 -19.99
N ILE B 357 32.96 6.72 -18.97
CA ILE B 357 33.24 6.28 -17.60
C ILE B 357 32.33 5.10 -17.31
N GLN B 358 32.94 3.93 -17.23
CA GLN B 358 32.17 2.73 -17.01
C GLN B 358 32.83 1.87 -15.93
N LEU B 359 31.98 1.27 -15.09
CA LEU B 359 32.43 0.38 -14.01
CA LEU B 359 32.44 0.37 -14.03
C LEU B 359 31.57 -0.88 -14.05
N SER B 360 32.20 -2.04 -13.89
CA SER B 360 31.44 -3.30 -13.85
C SER B 360 30.63 -3.42 -12.56
N GLY B 361 29.65 -4.33 -12.53
CA GLY B 361 28.78 -4.46 -11.38
C GLY B 361 29.60 -4.92 -10.18
N THR B 362 30.55 -5.80 -10.41
CA THR B 362 31.43 -6.27 -9.33
C THR B 362 32.28 -5.11 -8.79
N ARG B 363 32.81 -4.27 -9.70
CA ARG B 363 33.65 -3.17 -9.27
C ARG B 363 32.87 -2.24 -8.34
N VAL B 364 31.64 -1.91 -8.72
CA VAL B 364 30.81 -0.98 -7.94
C VAL B 364 30.46 -1.57 -6.58
N ARG B 365 29.98 -2.79 -6.55
CA ARG B 365 29.61 -3.35 -5.25
C ARG B 365 30.76 -3.52 -4.29
N GLU B 366 31.92 -3.90 -4.83
CA GLU B 366 33.11 -4.10 -3.99
C GLU B 366 33.71 -2.78 -3.47
N MET B 367 33.60 -1.69 -4.25
CA MET B 367 34.21 -0.44 -3.79
C MET B 367 33.26 0.20 -2.74
N LEU B 368 31.97 0.06 -2.96
CA LEU B 368 30.93 0.50 -1.99
C LEU B 368 31.14 -0.28 -0.67
N GLY B 369 31.44 -1.57 -0.79
CA GLY B 369 31.90 -2.39 0.37
C GLY B 369 33.04 -1.87 1.19
N GLN B 370 33.94 -1.11 0.55
CA GLN B 370 35.07 -0.55 1.23
C GLN B 370 34.88 0.90 1.61
N GLY B 371 33.64 1.38 1.48
CA GLY B 371 33.34 2.75 1.83
C GLY B 371 33.83 3.75 0.79
N GLU B 372 33.92 3.32 -0.47
CA GLU B 372 34.39 4.21 -1.54
C GLU B 372 33.25 4.49 -2.50
N ALA B 373 32.97 5.77 -2.76
CA ALA B 373 31.89 6.08 -3.70
C ALA B 373 32.47 6.01 -5.13
N PRO B 374 31.71 5.42 -6.06
CA PRO B 374 32.03 5.61 -7.49
C PRO B 374 32.14 7.12 -7.79
N PRO B 375 32.79 7.45 -8.90
CA PRO B 375 32.91 8.85 -9.33
C PRO B 375 31.53 9.48 -9.50
N PRO B 376 31.41 10.80 -9.31
CA PRO B 376 30.10 11.46 -9.41
C PRO B 376 29.48 11.41 -10.82
N GLU B 377 30.29 11.06 -11.84
CA GLU B 377 29.75 10.83 -13.19
C GLU B 377 29.01 9.48 -13.29
N PHE B 378 29.25 8.62 -12.29
CA PHE B 378 28.63 7.31 -12.28
C PHE B 378 27.53 7.17 -11.23
N SER B 379 27.74 7.74 -10.03
CA SER B 379 26.75 7.61 -8.93
C SER B 379 26.59 8.92 -8.23
N ARG B 380 25.36 9.22 -7.80
CA ARG B 380 25.16 10.41 -6.94
C ARG B 380 25.70 10.11 -5.53
N PRO B 381 26.38 11.08 -4.90
CA PRO B 381 27.01 10.78 -3.61
C PRO B 381 26.02 10.32 -2.58
N GLU B 382 24.80 10.88 -2.57
CA GLU B 382 23.82 10.51 -1.57
C GLU B 382 23.26 9.11 -1.76
N VAL B 383 23.19 8.67 -3.01
CA VAL B 383 22.76 7.30 -3.34
C VAL B 383 23.88 6.32 -2.97
N ALA B 384 25.09 6.64 -3.36
CA ALA B 384 26.26 5.81 -2.95
C ALA B 384 26.29 5.66 -1.41
N GLN B 385 25.95 6.74 -0.72
CA GLN B 385 26.01 6.73 0.76
C GLN B 385 25.02 5.73 1.37
N ILE B 386 23.81 5.66 0.85
CA ILE B 386 22.83 4.65 1.27
C ILE B 386 23.42 3.24 1.17
N LEU B 387 24.09 2.98 0.03
CA LEU B 387 24.62 1.65 -0.25
C LEU B 387 25.83 1.34 0.62
N MET B 388 26.74 2.32 0.76
CA MET B 388 27.91 2.19 1.62
C MET B 388 27.51 1.94 3.07
N ASP B 389 26.48 2.66 3.53
CA ASP B 389 25.97 2.50 4.90
C ASP B 389 25.48 1.07 5.15
N TYR B 390 24.80 0.50 4.16
CA TYR B 390 24.34 -0.87 4.25
C TYR B 390 25.55 -1.81 4.35
N TYR B 391 26.50 -1.70 3.42
CA TYR B 391 27.67 -2.63 3.44
C TYR B 391 28.52 -2.51 4.71
N ARG B 392 28.56 -1.33 5.31
CA ARG B 392 29.38 -1.14 6.50
C ARG B 392 28.61 -1.40 7.82
N SER B 393 27.28 -1.57 7.71
CA SER B 393 26.45 -1.91 8.87
C SER B 393 26.71 -3.34 9.35
N LEU B 394 26.61 -3.50 10.66
CA LEU B 394 26.75 -4.79 11.35
C LEU B 394 25.86 -5.84 10.69
N PRO B 395 26.45 -6.95 10.24
CA PRO B 395 25.67 -8.02 9.56
C PRO B 395 24.58 -8.65 10.44
N GLN B 396 23.52 -9.16 9.80
CA GLN B 396 22.39 -9.87 10.43
C GLN B 396 21.30 -8.91 10.93
#